data_3BMW
#
_entry.id   3BMW
#
_cell.length_a   73.791
_cell.length_b   96.582
_cell.length_c   115.241
_cell.angle_alpha   90.00
_cell.angle_beta   90.00
_cell.angle_gamma   90.00
#
_symmetry.space_group_name_H-M   'P 21 21 21'
#
loop_
_entity.id
_entity.type
_entity.pdbx_description
1 polymer 'Cyclomaltodextrin glucanotransferase'
2 branched alpha-D-glucopyranose-(1-4)-alpha-D-glucopyranose
3 branched alpha-D-quinovopyranose-(1-4)-alpha-D-glucopyranose-(1-4)-alpha-D-glucopyranose
4 branched alpha-D-glucopyranose-(1-4)-alpha-D-glucopyranose-(1-4)-alpha-D-glucopyranose
5 non-polymer 6-AMINO-4-HYDROXYMETHYL-CYCLOHEX-4-ENE-1,2,3-TRIOL
6 non-polymer 'CALCIUM ION'
7 non-polymer 'CHLORIDE ION'
8 non-polymer 'SULFATE ION'
9 non-polymer GLYCEROL
10 water water
#
_entity_poly.entity_id   1
_entity_poly.type   'polypeptide(L)'
_entity_poly.pdbx_seq_one_letter_code
;ASDTAVSNVVNYSTDVIYQIVTDRFVDGNTSNNPTGDLYDPTHTSLKKYFGGDWQGIINKINDGYLTGMGVTAIWIPQPV
ENIYAVLPDSTFGGSTSYHGYWARDFKRTNPYFGSFTDFQNLINTAHAHNIKVIIDFAPNHTSPASETDPTYAENGRLYD
NGTLLGGYTNDTNGYFHHYGGTDFSSYEDGIYRNLFDLADLNQQNSTIDSYLKSAIKVWLDMGIDGIRLDAVKHMPFGWQ
KNFMDSILSYRPVFTFGEWFLGTNEIDVNNTYFANESGMSLLDFRFSQKVRQVFRDNTDTMYGLDSMIQSTASDYNFIND
MVTFIDNHDMDRFYNGGSTRPVEQALAFTLTSRGVPAIYYGTEQYMTGNGDPYNRAMMTSFNTSTTAYNVIKKLAPLRKS
NPAIAYGTTQQRWINNDVYIYERKFGNNVALVAINRNLSTSYNITGLYTALPAGTYTDVLGGLLNGNSISVASDGSVTPF
TLSAGEVAVWQYVSSSNSPLIGHVGPTMTKAGQTITIDGRGFGTTSGQVLFGSTAGTIVSWDDTEVKVKVPSVTPGKYNI
SLKTSSGATSNTYNNINILTGNQICVRFVVNNASTVYGENVYLTGNVAELGNWDTSKAIGPMFNQVVYQYPTWYYDVSVP
AGTTIQFKFIKKNGNTITWEGGSNHTYTVPSSSTGTVIVNWQQ
;
_entity_poly.pdbx_strand_id   A
#
# COMPACT_ATOMS: atom_id res chain seq x y z
N ALA A 1 15.02 -5.45 19.89
CA ALA A 1 14.57 -6.10 18.61
C ALA A 1 15.19 -5.42 17.39
N SER A 2 15.53 -6.22 16.39
CA SER A 2 16.12 -5.73 15.15
C SER A 2 15.05 -5.26 14.16
N ASP A 3 15.50 -4.61 13.10
CA ASP A 3 14.61 -4.13 12.02
C ASP A 3 13.78 -5.24 11.39
N THR A 4 14.31 -6.46 11.45
CA THR A 4 13.72 -7.63 10.80
C THR A 4 12.68 -8.39 11.65
N ALA A 5 12.53 -7.97 12.92
CA ALA A 5 11.63 -8.66 13.86
C ALA A 5 10.16 -8.57 13.47
N VAL A 6 9.40 -9.62 13.79
CA VAL A 6 7.97 -9.67 13.46
C VAL A 6 7.17 -8.53 14.15
N SER A 7 7.70 -8.01 15.25
CA SER A 7 7.03 -6.95 16.01
C SER A 7 7.24 -5.55 15.43
N ASN A 8 8.15 -5.43 14.46
CA ASN A 8 8.38 -4.14 13.79
C ASN A 8 7.35 -3.94 12.69
N VAL A 9 6.20 -3.36 13.07
CA VAL A 9 5.04 -3.36 12.17
C VAL A 9 4.90 -2.09 11.33
N VAL A 10 5.91 -1.22 11.37
CA VAL A 10 5.89 0.00 10.54
C VAL A 10 6.85 -0.05 9.34
N ASN A 11 7.50 -1.22 9.16
CA ASN A 11 8.49 -1.44 8.10
C ASN A 11 8.27 -2.84 7.54
N TYR A 12 7.88 -2.92 6.27
CA TYR A 12 7.69 -4.22 5.61
C TYR A 12 8.71 -4.51 4.50
N SER A 13 9.73 -3.66 4.39
CA SER A 13 10.70 -3.76 3.29
C SER A 13 11.55 -5.02 3.36
N THR A 14 11.69 -5.59 4.56
CA THR A 14 12.43 -6.85 4.75
C THR A 14 11.54 -8.08 4.66
N ASP A 15 10.25 -7.86 4.36
CA ASP A 15 9.26 -8.93 4.33
C ASP A 15 8.84 -9.36 2.94
N VAL A 16 8.21 -10.52 2.85
CA VAL A 16 7.52 -10.97 1.65
C VAL A 16 6.10 -11.34 2.05
N ILE A 17 5.12 -10.65 1.46
CA ILE A 17 3.70 -10.85 1.74
C ILE A 17 3.13 -11.94 0.83
N TYR A 18 2.31 -12.80 1.43
CA TYR A 18 1.54 -13.79 0.70
C TYR A 18 0.08 -13.39 0.79
N GLN A 19 -0.52 -13.06 -0.36
CA GLN A 19 -1.90 -12.61 -0.39
C GLN A 19 -2.86 -13.80 -0.50
N ILE A 20 -3.67 -13.97 0.54
CA ILE A 20 -4.60 -15.09 0.63
C ILE A 20 -6.03 -14.61 0.40
N VAL A 21 -6.78 -15.36 -0.41
CA VAL A 21 -8.22 -15.18 -0.51
C VAL A 21 -8.80 -16.24 0.42
N THR A 22 -9.19 -15.80 1.62
CA THR A 22 -9.53 -16.70 2.72
C THR A 22 -10.49 -17.82 2.31
N ASP A 23 -11.59 -17.46 1.67
CA ASP A 23 -12.62 -18.44 1.31
C ASP A 23 -12.09 -19.51 0.36
N ARG A 24 -11.02 -19.18 -0.36
CA ARG A 24 -10.53 -20.00 -1.46
C ARG A 24 -9.18 -20.66 -1.14
N PHE A 25 -8.83 -20.69 0.13
CA PHE A 25 -7.54 -21.24 0.54
C PHE A 25 -7.70 -22.63 1.18
N VAL A 26 -8.04 -22.67 2.47
CA VAL A 26 -8.26 -23.95 3.16
C VAL A 26 -9.47 -23.88 4.08
N ASP A 27 -10.37 -24.85 3.92
CA ASP A 27 -11.53 -24.98 4.81
C ASP A 27 -11.08 -25.77 6.05
N GLY A 28 -10.64 -25.05 7.07
CA GLY A 28 -10.10 -25.67 8.30
C GLY A 28 -11.17 -26.08 9.31
N ASN A 29 -12.38 -25.55 9.16
CA ASN A 29 -13.49 -25.94 10.02
C ASN A 29 -14.79 -25.97 9.24
N THR A 30 -15.36 -27.15 9.07
CA THR A 30 -16.59 -27.28 8.27
C THR A 30 -17.82 -26.74 9.01
N SER A 31 -17.79 -26.75 10.34
CA SER A 31 -18.96 -26.34 11.13
C SER A 31 -19.30 -24.86 10.96
N ASN A 32 -18.32 -24.06 10.56
CA ASN A 32 -18.55 -22.63 10.31
C ASN A 32 -18.99 -22.29 8.88
N ASN A 33 -19.04 -23.31 8.02
CA ASN A 33 -19.47 -23.11 6.63
C ASN A 33 -20.90 -22.58 6.55
N PRO A 34 -21.19 -21.70 5.56
CA PRO A 34 -22.57 -21.31 5.34
C PRO A 34 -23.39 -22.53 4.90
N THR A 35 -24.70 -22.42 4.99
CA THR A 35 -25.59 -23.45 4.52
C THR A 35 -26.47 -22.87 3.41
N GLY A 36 -27.10 -23.74 2.65
CA GLY A 36 -27.99 -23.28 1.58
C GLY A 36 -27.25 -22.73 0.39
N ASP A 37 -27.90 -21.78 -0.30
CA ASP A 37 -27.40 -21.27 -1.58
CA ASP A 37 -27.42 -21.25 -1.57
C ASP A 37 -26.10 -20.48 -1.46
N LEU A 38 -25.75 -20.07 -0.24
CA LEU A 38 -24.48 -19.35 -0.01
C LEU A 38 -23.26 -20.22 -0.26
N TYR A 39 -23.44 -21.53 -0.08
CA TYR A 39 -22.32 -22.48 0.02
C TYR A 39 -22.28 -23.49 -1.12
N ASP A 40 -21.08 -23.67 -1.68
CA ASP A 40 -20.85 -24.72 -2.68
C ASP A 40 -19.72 -25.66 -2.25
N PRO A 41 -20.08 -26.85 -1.72
CA PRO A 41 -19.04 -27.76 -1.24
C PRO A 41 -18.19 -28.35 -2.38
N THR A 42 -18.69 -28.27 -3.61
CA THR A 42 -17.96 -28.80 -4.78
C THR A 42 -16.81 -27.90 -5.23
N HIS A 43 -16.79 -26.66 -4.75
CA HIS A 43 -15.76 -25.67 -5.12
C HIS A 43 -15.72 -25.41 -6.63
N THR A 44 -16.90 -25.34 -7.27
CA THR A 44 -16.97 -25.14 -8.72
C THR A 44 -17.78 -23.91 -9.17
N SER A 45 -18.72 -23.47 -8.34
CA SER A 45 -19.54 -22.30 -8.67
C SER A 45 -18.84 -21.06 -8.11
N LEU A 46 -18.14 -20.34 -8.98
CA LEU A 46 -17.04 -19.47 -8.55
C LEU A 46 -17.37 -18.16 -7.82
N LYS A 47 -18.65 -17.90 -7.57
CA LYS A 47 -19.02 -16.76 -6.73
C LYS A 47 -19.73 -17.16 -5.42
N LYS A 48 -19.68 -18.44 -5.08
CA LYS A 48 -20.24 -18.92 -3.81
C LYS A 48 -19.14 -19.01 -2.74
N TYR A 49 -19.55 -19.10 -1.47
CA TYR A 49 -18.62 -19.48 -0.41
C TYR A 49 -18.17 -20.93 -0.62
N PHE A 50 -16.86 -21.16 -0.66
CA PHE A 50 -16.29 -22.50 -0.76
C PHE A 50 -15.92 -23.04 0.62
N GLY A 51 -15.87 -22.16 1.63
CA GLY A 51 -15.68 -22.57 3.02
C GLY A 51 -14.31 -22.33 3.62
N GLY A 52 -13.39 -21.74 2.85
CA GLY A 52 -12.05 -21.42 3.37
C GLY A 52 -12.15 -20.44 4.53
N ASP A 53 -11.31 -20.63 5.53
CA ASP A 53 -11.47 -19.88 6.77
C ASP A 53 -10.14 -19.62 7.48
N TRP A 54 -10.21 -18.93 8.62
CA TRP A 54 -8.99 -18.57 9.35
C TRP A 54 -8.29 -19.77 9.96
N GLN A 55 -9.06 -20.77 10.39
CA GLN A 55 -8.48 -22.03 10.87
C GLN A 55 -7.64 -22.69 9.77
N GLY A 56 -8.14 -22.65 8.53
CA GLY A 56 -7.39 -23.17 7.40
C GLY A 56 -6.04 -22.50 7.21
N ILE A 57 -5.99 -21.18 7.37
CA ILE A 57 -4.72 -20.44 7.27
C ILE A 57 -3.79 -20.86 8.42
N ILE A 58 -4.36 -20.94 9.62
CA ILE A 58 -3.62 -21.42 10.79
C ILE A 58 -2.94 -22.77 10.49
N ASN A 59 -3.68 -23.68 9.88
CA ASN A 59 -3.15 -25.02 9.54
C ASN A 59 -1.91 -24.94 8.66
N LYS A 60 -1.93 -24.04 7.68
CA LYS A 60 -0.82 -23.90 6.74
C LYS A 60 0.35 -23.11 7.31
N ILE A 61 0.13 -22.41 8.42
CA ILE A 61 1.22 -21.79 9.18
C ILE A 61 1.88 -22.86 10.05
N ASN A 62 1.06 -23.59 10.80
CA ASN A 62 1.56 -24.62 11.71
C ASN A 62 2.28 -25.76 11.00
N ASP A 63 1.83 -26.12 9.80
CA ASP A 63 2.42 -27.27 9.10
C ASP A 63 3.61 -26.95 8.18
N GLY A 64 4.03 -25.69 8.18
CA GLY A 64 5.27 -25.31 7.52
C GLY A 64 5.19 -24.97 6.05
N TYR A 65 3.99 -25.01 5.47
CA TYR A 65 3.87 -24.69 4.04
C TYR A 65 4.34 -23.27 3.75
N LEU A 66 3.82 -22.31 4.50
CA LEU A 66 4.14 -20.91 4.27
C LEU A 66 5.57 -20.55 4.70
N THR A 67 5.97 -20.99 5.89
CA THR A 67 7.32 -20.71 6.37
C THR A 67 8.38 -21.39 5.50
N GLY A 68 8.06 -22.55 4.94
CA GLY A 68 8.99 -23.29 4.09
C GLY A 68 9.28 -22.57 2.78
N MET A 69 8.41 -21.61 2.45
CA MET A 69 8.50 -20.79 1.25
C MET A 69 9.20 -19.46 1.54
N GLY A 70 9.40 -19.16 2.82
CA GLY A 70 10.00 -17.89 3.23
C GLY A 70 9.01 -16.73 3.30
N VAL A 71 7.72 -17.05 3.34
CA VAL A 71 6.68 -16.04 3.58
C VAL A 71 6.83 -15.48 4.99
N THR A 72 6.83 -14.16 5.14
CA THR A 72 6.96 -13.54 6.47
C THR A 72 5.80 -12.60 6.81
N ALA A 73 4.82 -12.51 5.91
CA ALA A 73 3.62 -11.72 6.13
C ALA A 73 2.48 -12.30 5.30
N ILE A 74 1.26 -12.17 5.80
CA ILE A 74 0.06 -12.53 5.02
C ILE A 74 -0.87 -11.33 4.93
N TRP A 75 -1.53 -11.19 3.78
CA TRP A 75 -2.59 -10.20 3.60
C TRP A 75 -3.87 -10.96 3.29
N ILE A 76 -4.84 -10.81 4.20
CA ILE A 76 -6.12 -11.51 4.11
C ILE A 76 -7.26 -10.54 3.78
N PRO A 77 -8.37 -11.05 3.19
CA PRO A 77 -9.50 -10.17 2.87
C PRO A 77 -10.13 -9.55 4.11
N GLN A 78 -10.96 -8.54 3.87
CA GLN A 78 -11.62 -7.82 4.96
C GLN A 78 -12.28 -8.84 5.90
N PRO A 79 -11.94 -8.78 7.20
CA PRO A 79 -12.41 -9.77 8.17
C PRO A 79 -13.80 -9.49 8.76
N VAL A 80 -14.42 -8.37 8.36
CA VAL A 80 -15.66 -7.89 9.00
C VAL A 80 -16.91 -8.58 8.47
N GLU A 81 -17.99 -8.54 9.26
CA GLU A 81 -19.24 -9.17 8.86
C GLU A 81 -19.69 -8.61 7.52
N ASN A 82 -20.00 -9.54 6.61
CA ASN A 82 -20.45 -9.21 5.26
C ASN A 82 -21.91 -9.62 5.07
N ILE A 83 -22.51 -9.17 3.96
CA ILE A 83 -23.90 -9.51 3.68
C ILE A 83 -24.13 -11.00 3.45
N TYR A 84 -25.35 -11.44 3.75
CA TYR A 84 -25.73 -12.85 3.69
C TYR A 84 -26.56 -13.17 2.45
N ALA A 85 -27.04 -12.13 1.78
CA ALA A 85 -27.87 -12.29 0.59
C ALA A 85 -27.10 -12.91 -0.56
N VAL A 86 -27.79 -13.77 -1.31
CA VAL A 86 -27.24 -14.35 -2.55
C VAL A 86 -27.86 -13.57 -3.71
N LEU A 87 -27.01 -12.86 -4.45
CA LEU A 87 -27.50 -11.97 -5.52
C LEU A 87 -27.60 -12.75 -6.82
N PRO A 88 -28.66 -12.49 -7.62
CA PRO A 88 -28.78 -13.19 -8.90
C PRO A 88 -27.57 -12.93 -9.81
N ASP A 89 -27.16 -13.96 -10.55
CA ASP A 89 -26.05 -13.85 -11.49
C ASP A 89 -26.31 -14.76 -12.68
N SER A 90 -26.39 -14.18 -13.87
CA SER A 90 -26.77 -14.91 -15.08
C SER A 90 -25.73 -15.94 -15.55
N THR A 91 -24.49 -15.78 -15.09
CA THR A 91 -23.41 -16.67 -15.48
C THR A 91 -23.13 -17.72 -14.40
N PHE A 92 -23.14 -17.29 -13.14
CA PHE A 92 -22.74 -18.15 -12.02
C PHE A 92 -23.89 -18.59 -11.11
N GLY A 93 -25.12 -18.28 -11.49
CA GLY A 93 -26.30 -18.67 -10.73
C GLY A 93 -26.59 -17.69 -9.61
N GLY A 94 -25.61 -17.53 -8.72
CA GLY A 94 -25.70 -16.62 -7.58
C GLY A 94 -24.35 -16.00 -7.29
N SER A 95 -24.37 -14.82 -6.67
CA SER A 95 -23.15 -14.09 -6.31
C SER A 95 -23.20 -13.72 -4.82
N THR A 96 -22.12 -14.04 -4.10
CA THR A 96 -22.07 -13.89 -2.63
C THR A 96 -20.89 -13.05 -2.16
N SER A 97 -20.89 -12.76 -0.85
CA SER A 97 -19.85 -11.95 -0.22
C SER A 97 -18.59 -12.73 0.16
N TYR A 98 -18.35 -13.88 -0.48
CA TYR A 98 -17.19 -14.75 -0.15
C TYR A 98 -15.87 -13.97 -0.12
N HIS A 99 -15.80 -12.89 -0.88
CA HIS A 99 -14.57 -12.11 -1.07
C HIS A 99 -14.32 -11.09 0.04
N GLY A 100 -15.35 -10.82 0.86
CA GLY A 100 -15.19 -9.98 2.05
C GLY A 100 -15.39 -8.48 1.85
N TYR A 101 -15.62 -8.04 0.62
CA TYR A 101 -15.66 -6.61 0.30
C TYR A 101 -17.04 -5.94 0.42
N TRP A 102 -18.04 -6.71 0.87
CA TRP A 102 -19.41 -6.22 1.00
C TRP A 102 -19.82 -6.16 2.48
N ALA A 103 -19.23 -5.22 3.21
CA ALA A 103 -19.42 -5.13 4.66
C ALA A 103 -20.85 -4.80 5.08
N ARG A 104 -21.29 -5.41 6.17
CA ARG A 104 -22.51 -4.99 6.84
C ARG A 104 -22.25 -4.48 8.27
N ASP A 105 -21.14 -4.89 8.88
CA ASP A 105 -20.80 -4.43 10.23
C ASP A 105 -19.29 -4.48 10.40
N PHE A 106 -18.66 -3.30 10.38
CA PHE A 106 -17.20 -3.20 10.45
C PHE A 106 -16.64 -3.54 11.84
N LYS A 107 -17.52 -3.74 12.83
CA LYS A 107 -17.08 -4.01 14.19
C LYS A 107 -17.21 -5.47 14.61
N ARG A 108 -17.74 -6.30 13.72
CA ARG A 108 -17.89 -7.73 13.99
C ARG A 108 -17.19 -8.55 12.92
N THR A 109 -16.95 -9.83 13.18
CA THR A 109 -16.31 -10.72 12.21
C THR A 109 -17.31 -11.29 11.22
N ASN A 110 -16.79 -11.74 10.07
CA ASN A 110 -17.54 -12.60 9.18
C ASN A 110 -17.52 -14.01 9.80
N PRO A 111 -18.68 -14.50 10.27
CA PRO A 111 -18.66 -15.76 11.03
C PRO A 111 -18.21 -16.95 10.20
N TYR A 112 -18.25 -16.80 8.88
CA TYR A 112 -17.83 -17.89 8.00
C TYR A 112 -16.31 -18.03 7.99
N PHE A 113 -15.61 -16.91 8.17
CA PHE A 113 -14.15 -16.95 8.32
C PHE A 113 -13.79 -17.36 9.75
N GLY A 114 -14.59 -16.91 10.72
CA GLY A 114 -14.38 -17.26 12.11
C GLY A 114 -14.88 -16.23 13.11
N SER A 115 -14.73 -16.55 14.39
CA SER A 115 -15.07 -15.63 15.48
C SER A 115 -13.88 -14.73 15.79
N PHE A 116 -14.08 -13.77 16.69
CA PHE A 116 -12.94 -12.99 17.18
C PHE A 116 -11.88 -13.88 17.82
N THR A 117 -12.30 -14.98 18.44
CA THR A 117 -11.33 -15.92 19.01
C THR A 117 -10.51 -16.63 17.92
N ASP A 118 -11.16 -16.99 16.81
CA ASP A 118 -10.43 -17.55 15.65
C ASP A 118 -9.44 -16.53 15.11
N PHE A 119 -9.88 -15.26 15.03
CA PHE A 119 -9.01 -14.21 14.53
C PHE A 119 -7.80 -14.03 15.43
N GLN A 120 -8.04 -14.06 16.74
CA GLN A 120 -6.98 -14.02 17.74
C GLN A 120 -6.02 -15.19 17.55
N ASN A 121 -6.57 -16.37 17.30
CA ASN A 121 -5.74 -17.55 17.04
C ASN A 121 -4.86 -17.35 15.81
N LEU A 122 -5.41 -16.72 14.77
CA LEU A 122 -4.65 -16.46 13.54
C LEU A 122 -3.50 -15.50 13.80
N ILE A 123 -3.80 -14.37 14.44
CA ILE A 123 -2.78 -13.39 14.82
C ILE A 123 -1.65 -14.05 15.63
N ASN A 124 -2.04 -14.84 16.64
CA ASN A 124 -1.06 -15.43 17.54
C ASN A 124 -0.24 -16.55 16.90
N THR A 125 -0.88 -17.36 16.06
CA THR A 125 -0.18 -18.41 15.34
C THR A 125 0.82 -17.80 14.36
N ALA A 126 0.38 -16.79 13.63
CA ALA A 126 1.27 -16.07 12.71
C ALA A 126 2.49 -15.54 13.45
N HIS A 127 2.26 -14.80 14.54
CA HIS A 127 3.36 -14.23 15.31
C HIS A 127 4.34 -15.26 15.86
N ALA A 128 3.81 -16.41 16.32
CA ALA A 128 4.66 -17.49 16.84
C ALA A 128 5.63 -18.01 15.78
N HIS A 129 5.27 -17.77 14.51
CA HIS A 129 6.06 -18.21 13.37
C HIS A 129 6.69 -17.05 12.59
N ASN A 130 6.78 -15.89 13.23
CA ASN A 130 7.40 -14.69 12.65
C ASN A 130 6.72 -14.21 11.37
N ILE A 131 5.40 -14.36 11.33
CA ILE A 131 4.58 -13.89 10.22
C ILE A 131 3.70 -12.73 10.69
N LYS A 132 3.76 -11.62 9.95
CA LYS A 132 2.92 -10.44 10.21
C LYS A 132 1.58 -10.60 9.50
N VAL A 133 0.52 -10.02 10.05
CA VAL A 133 -0.82 -10.16 9.47
C VAL A 133 -1.40 -8.80 9.08
N ILE A 134 -1.68 -8.66 7.78
CA ILE A 134 -2.33 -7.48 7.21
C ILE A 134 -3.78 -7.83 6.89
N ILE A 135 -4.71 -6.96 7.31
CA ILE A 135 -6.11 -7.09 6.88
C ILE A 135 -6.47 -6.07 5.82
N ASP A 136 -7.27 -6.52 4.86
CA ASP A 136 -7.98 -5.61 3.95
C ASP A 136 -9.03 -4.87 4.78
N PHE A 137 -9.31 -3.63 4.40
CA PHE A 137 -10.32 -2.82 5.09
C PHE A 137 -10.90 -1.87 4.06
N ALA A 138 -12.23 -1.84 3.96
CA ALA A 138 -12.89 -1.21 2.81
C ALA A 138 -13.93 -0.16 3.20
N PRO A 139 -13.47 1.01 3.69
CA PRO A 139 -14.38 2.02 4.22
C PRO A 139 -15.05 2.89 3.15
N ASN A 140 -14.83 2.59 1.87
CA ASN A 140 -15.53 3.33 0.80
C ASN A 140 -17.02 3.03 0.73
N HIS A 141 -17.40 1.84 1.15
CA HIS A 141 -18.77 1.39 0.89
C HIS A 141 -19.17 0.24 1.80
N THR A 142 -20.47 -0.03 1.82
CA THR A 142 -20.95 -1.24 2.43
C THR A 142 -21.07 -2.33 1.36
N SER A 143 -22.18 -2.33 0.62
CA SER A 143 -22.54 -3.49 -0.21
C SER A 143 -23.45 -3.07 -1.37
N PRO A 144 -23.66 -3.96 -2.35
CA PRO A 144 -24.50 -3.63 -3.50
C PRO A 144 -25.90 -3.17 -3.08
N ALA A 145 -26.39 -2.10 -3.69
CA ALA A 145 -27.69 -1.54 -3.36
C ALA A 145 -28.34 -0.87 -4.55
N SER A 146 -29.67 -0.79 -4.48
CA SER A 146 -30.46 0.00 -5.40
C SER A 146 -31.39 0.85 -4.54
N GLU A 147 -31.37 2.15 -4.75
CA GLU A 147 -32.25 3.04 -3.98
C GLU A 147 -33.72 2.82 -4.34
N THR A 148 -33.98 2.59 -5.63
CA THR A 148 -35.35 2.41 -6.11
C THR A 148 -35.89 1.00 -5.84
N ASP A 149 -34.99 0.03 -5.66
CA ASP A 149 -35.37 -1.34 -5.31
C ASP A 149 -34.70 -1.79 -4.01
N PRO A 150 -35.31 -1.44 -2.86
CA PRO A 150 -34.72 -1.82 -1.57
C PRO A 150 -34.67 -3.32 -1.31
N THR A 151 -35.36 -4.12 -2.13
CA THR A 151 -35.33 -5.58 -1.98
C THR A 151 -34.04 -6.21 -2.52
N TYR A 152 -33.31 -5.47 -3.36
CA TYR A 152 -32.05 -5.95 -3.93
C TYR A 152 -30.98 -6.07 -2.85
N ALA A 153 -30.35 -7.24 -2.78
CA ALA A 153 -29.30 -7.51 -1.80
C ALA A 153 -29.79 -7.18 -0.38
N GLU A 154 -28.96 -6.48 0.40
CA GLU A 154 -29.40 -6.00 1.71
C GLU A 154 -29.51 -4.47 1.76
N ASN A 155 -29.73 -3.87 0.59
CA ASN A 155 -29.94 -2.41 0.46
C ASN A 155 -28.78 -1.61 1.09
N GLY A 156 -27.60 -2.22 1.12
CA GLY A 156 -26.41 -1.58 1.66
C GLY A 156 -26.43 -1.33 3.16
N ARG A 157 -27.37 -1.96 3.87
CA ARG A 157 -27.58 -1.69 5.29
C ARG A 157 -26.31 -1.85 6.13
N LEU A 158 -26.09 -0.87 7.01
CA LEU A 158 -24.92 -0.83 7.88
C LEU A 158 -25.32 -0.97 9.35
N TYR A 159 -24.59 -1.81 10.07
CA TYR A 159 -24.79 -1.99 11.50
C TYR A 159 -23.56 -1.56 12.29
N ASP A 160 -23.79 -1.15 13.53
CA ASP A 160 -22.74 -0.75 14.46
C ASP A 160 -22.79 -1.72 15.62
N ASN A 161 -21.96 -2.76 15.55
CA ASN A 161 -21.97 -3.86 16.53
C ASN A 161 -23.40 -4.36 16.78
N GLY A 162 -24.12 -4.65 15.69
CA GLY A 162 -25.47 -5.18 15.76
C GLY A 162 -26.61 -4.17 15.71
N THR A 163 -26.31 -2.90 15.99
CA THR A 163 -27.34 -1.85 15.97
C THR A 163 -27.42 -1.25 14.56
N LEU A 164 -28.60 -1.31 13.97
CA LEU A 164 -28.80 -0.77 12.62
C LEU A 164 -28.61 0.74 12.60
N LEU A 165 -27.70 1.20 11.75
CA LEU A 165 -27.54 2.63 11.51
C LEU A 165 -28.54 3.06 10.45
N GLY A 166 -28.52 2.38 9.30
CA GLY A 166 -29.45 2.66 8.22
C GLY A 166 -29.02 1.99 6.92
N GLY A 167 -29.87 2.14 5.90
CA GLY A 167 -29.58 1.60 4.56
C GLY A 167 -29.61 2.67 3.49
N TYR A 168 -29.51 2.23 2.24
CA TYR A 168 -29.39 3.14 1.09
C TYR A 168 -30.70 3.84 0.75
N THR A 169 -31.81 3.12 0.88
CA THR A 169 -33.14 3.68 0.69
C THR A 169 -33.61 4.31 2.00
N ASN A 170 -34.27 5.46 1.89
CA ASN A 170 -34.72 6.23 3.05
C ASN A 170 -33.55 6.58 3.98
N ASP A 171 -32.47 7.07 3.37
CA ASP A 171 -31.25 7.45 4.08
C ASP A 171 -31.40 8.86 4.64
N THR A 172 -32.26 8.99 5.64
CA THR A 172 -32.59 10.29 6.24
C THR A 172 -31.40 10.91 6.98
N ASN A 173 -30.51 10.06 7.46
CA ASN A 173 -29.32 10.51 8.19
C ASN A 173 -28.18 10.98 7.28
N GLY A 174 -28.29 10.71 5.98
CA GLY A 174 -27.23 11.06 5.03
C GLY A 174 -25.94 10.31 5.26
N TYR A 175 -26.06 9.01 5.57
CA TYR A 175 -24.90 8.15 5.77
C TYR A 175 -24.24 7.73 4.45
N PHE A 176 -24.96 7.88 3.35
CA PHE A 176 -24.49 7.48 2.03
C PHE A 176 -24.59 8.63 1.02
N HIS A 177 -23.87 8.51 -0.08
CA HIS A 177 -24.01 9.42 -1.21
C HIS A 177 -25.11 8.97 -2.16
N HIS A 178 -25.84 9.94 -2.70
CA HIS A 178 -26.96 9.67 -3.61
C HIS A 178 -26.76 10.46 -4.90
N TYR A 179 -25.64 10.19 -5.56
CA TYR A 179 -25.22 10.90 -6.76
C TYR A 179 -25.04 9.94 -7.95
N GLY A 180 -25.68 8.78 -7.89
CA GLY A 180 -25.55 7.76 -8.94
C GLY A 180 -24.21 7.06 -8.88
N GLY A 181 -23.80 6.50 -10.02
CA GLY A 181 -22.55 5.73 -10.08
C GLY A 181 -21.44 6.38 -10.88
N THR A 182 -20.20 6.07 -10.52
CA THR A 182 -19.04 6.62 -11.23
C THR A 182 -18.81 6.00 -12.60
N ASP A 183 -18.30 6.80 -13.52
CA ASP A 183 -17.78 6.29 -14.80
C ASP A 183 -16.25 6.45 -14.89
N PHE A 184 -15.61 6.74 -13.76
CA PHE A 184 -14.15 6.86 -13.66
C PHE A 184 -13.55 8.01 -14.49
N SER A 185 -14.38 8.96 -14.90
CA SER A 185 -13.95 10.01 -15.84
C SER A 185 -13.17 11.15 -15.20
N SER A 186 -13.35 11.35 -13.90
CA SER A 186 -12.57 12.34 -13.17
C SER A 186 -12.35 11.88 -11.73
N TYR A 187 -11.39 12.51 -11.06
CA TYR A 187 -11.12 12.23 -9.66
C TYR A 187 -12.38 12.49 -8.82
N GLU A 188 -13.01 13.64 -9.04
CA GLU A 188 -14.23 14.01 -8.30
C GLU A 188 -15.36 13.02 -8.51
N ASP A 189 -15.59 12.65 -9.76
CA ASP A 189 -16.64 11.70 -10.13
C ASP A 189 -16.46 10.38 -9.38
N GLY A 190 -15.21 9.91 -9.32
CA GLY A 190 -14.89 8.62 -8.70
C GLY A 190 -14.98 8.61 -7.19
N ILE A 191 -15.00 9.79 -6.57
CA ILE A 191 -15.02 9.89 -5.11
C ILE A 191 -16.43 9.96 -4.56
N TYR A 192 -17.27 10.79 -5.17
CA TYR A 192 -18.59 11.10 -4.59
C TYR A 192 -19.72 10.28 -5.18
N ARG A 193 -19.47 9.58 -6.29
CA ARG A 193 -20.47 8.70 -6.87
C ARG A 193 -20.13 7.23 -6.51
N ASN A 194 -21.09 6.33 -6.68
CA ASN A 194 -20.90 4.94 -6.28
C ASN A 194 -19.89 4.22 -7.15
N LEU A 195 -19.05 3.41 -6.52
CA LEU A 195 -18.24 2.42 -7.23
C LEU A 195 -19.15 1.26 -7.58
N PHE A 196 -19.39 1.08 -8.88
CA PHE A 196 -20.35 0.08 -9.36
C PHE A 196 -21.71 0.36 -8.69
N ASP A 197 -22.32 -0.66 -8.08
CA ASP A 197 -23.59 -0.47 -7.35
C ASP A 197 -23.39 -0.50 -5.83
N LEU A 198 -22.15 -0.32 -5.40
CA LEU A 198 -21.83 -0.36 -3.96
C LEU A 198 -22.29 0.93 -3.30
N ALA A 199 -23.06 0.78 -2.21
CA ALA A 199 -23.58 1.94 -1.48
C ALA A 199 -22.42 2.78 -0.93
N ASP A 200 -22.24 3.98 -1.48
CA ASP A 200 -21.06 4.82 -1.16
C ASP A 200 -21.22 5.49 0.20
N LEU A 201 -20.31 5.18 1.12
CA LEU A 201 -20.35 5.79 2.45
C LEU A 201 -20.01 7.28 2.39
N ASN A 202 -20.74 8.07 3.18
CA ASN A 202 -20.45 9.48 3.33
C ASN A 202 -19.56 9.70 4.55
N GLN A 203 -18.25 9.66 4.34
CA GLN A 203 -17.30 9.81 5.44
C GLN A 203 -17.30 11.21 6.06
N GLN A 204 -17.89 12.19 5.36
CA GLN A 204 -17.95 13.56 5.89
C GLN A 204 -19.03 13.68 6.97
N ASN A 205 -19.98 12.75 6.98
CA ASN A 205 -20.96 12.65 8.04
C ASN A 205 -20.23 12.28 9.34
N SER A 206 -20.41 13.08 10.38
CA SER A 206 -19.66 12.91 11.64
C SER A 206 -19.85 11.54 12.28
N THR A 207 -21.06 10.99 12.20
CA THR A 207 -21.33 9.65 12.71
C THR A 207 -20.52 8.59 11.96
N ILE A 208 -20.44 8.72 10.65
CA ILE A 208 -19.68 7.76 9.83
C ILE A 208 -18.18 7.88 10.06
N ASP A 209 -17.66 9.11 10.08
CA ASP A 209 -16.24 9.34 10.38
C ASP A 209 -15.87 8.70 11.72
N SER A 210 -16.67 8.97 12.74
CA SER A 210 -16.42 8.45 14.09
C SER A 210 -16.53 6.95 14.12
N TYR A 211 -17.53 6.42 13.41
CA TYR A 211 -17.76 4.98 13.31
C TYR A 211 -16.58 4.25 12.70
N LEU A 212 -16.07 4.77 11.58
CA LEU A 212 -14.95 4.12 10.89
C LEU A 212 -13.68 4.16 11.72
N LYS A 213 -13.45 5.29 12.39
CA LYS A 213 -12.31 5.42 13.30
C LYS A 213 -12.42 4.40 14.44
N SER A 214 -13.61 4.27 15.03
CA SER A 214 -13.85 3.29 16.10
C SER A 214 -13.65 1.87 15.59
N ALA A 215 -14.15 1.60 14.39
CA ALA A 215 -14.08 0.27 13.80
C ALA A 215 -12.65 -0.18 13.55
N ILE A 216 -11.82 0.67 12.97
CA ILE A 216 -10.43 0.24 12.72
C ILE A 216 -9.69 0.00 14.04
N LYS A 217 -10.06 0.73 15.09
CA LYS A 217 -9.46 0.52 16.42
C LYS A 217 -9.84 -0.84 17.01
N VAL A 218 -11.03 -1.35 16.69
CA VAL A 218 -11.40 -2.72 17.09
C VAL A 218 -10.35 -3.70 16.57
N TRP A 219 -9.97 -3.53 15.31
CA TRP A 219 -9.04 -4.44 14.65
C TRP A 219 -7.60 -4.21 15.10
N LEU A 220 -7.22 -2.95 15.32
CA LEU A 220 -5.93 -2.66 15.93
C LEU A 220 -5.81 -3.33 17.31
N ASP A 221 -6.89 -3.33 18.08
CA ASP A 221 -6.90 -3.97 19.39
C ASP A 221 -6.88 -5.50 19.33
N MET A 222 -7.17 -6.05 18.15
CA MET A 222 -7.06 -7.49 17.88
C MET A 222 -5.63 -7.87 17.49
N GLY A 223 -4.75 -6.88 17.36
CA GLY A 223 -3.32 -7.13 17.17
C GLY A 223 -2.86 -7.22 15.73
N ILE A 224 -3.63 -6.66 14.80
CA ILE A 224 -3.20 -6.63 13.38
C ILE A 224 -1.87 -5.90 13.23
N ASP A 225 -1.12 -6.25 12.19
CA ASP A 225 0.20 -5.70 11.96
C ASP A 225 0.25 -4.77 10.76
N GLY A 226 -0.87 -4.65 10.06
CA GLY A 226 -0.92 -3.84 8.85
C GLY A 226 -2.30 -3.78 8.27
N ILE A 227 -2.51 -2.82 7.37
CA ILE A 227 -3.81 -2.59 6.74
C ILE A 227 -3.60 -2.37 5.25
N ARG A 228 -4.36 -3.09 4.42
CA ARG A 228 -4.49 -2.78 3.01
C ARG A 228 -5.83 -2.09 2.84
N LEU A 229 -5.79 -0.81 2.47
CA LEU A 229 -7.00 -0.02 2.39
C LEU A 229 -7.55 -0.07 0.98
N ASP A 230 -8.80 -0.51 0.89
CA ASP A 230 -9.46 -0.75 -0.40
C ASP A 230 -9.93 0.55 -1.07
N ALA A 231 -9.75 0.62 -2.39
CA ALA A 231 -10.38 1.63 -3.23
C ALA A 231 -10.07 3.07 -2.82
N VAL A 232 -8.79 3.37 -2.60
CA VAL A 232 -8.41 4.68 -2.05
C VAL A 232 -8.55 5.83 -3.05
N LYS A 233 -8.65 5.50 -4.33
CA LYS A 233 -8.95 6.54 -5.33
C LYS A 233 -10.41 7.00 -5.25
N HIS A 234 -11.22 6.30 -4.45
CA HIS A 234 -12.68 6.54 -4.38
C HIS A 234 -13.16 7.25 -3.12
N MET A 235 -12.20 7.65 -2.28
CA MET A 235 -12.49 8.44 -1.09
C MET A 235 -11.65 9.71 -1.12
N PRO A 236 -12.11 10.78 -0.43
CA PRO A 236 -11.34 12.02 -0.45
C PRO A 236 -9.96 11.85 0.14
N PHE A 237 -8.95 12.46 -0.49
CA PHE A 237 -7.63 12.50 0.10
C PHE A 237 -7.69 13.02 1.53
N GLY A 238 -8.38 14.16 1.70
CA GLY A 238 -8.45 14.82 3.01
C GLY A 238 -9.01 13.92 4.09
N TRP A 239 -10.08 13.19 3.75
CA TRP A 239 -10.67 12.29 4.73
C TRP A 239 -9.68 11.18 5.10
N GLN A 240 -9.00 10.64 4.11
CA GLN A 240 -8.08 9.53 4.35
C GLN A 240 -6.82 9.93 5.13
N LYS A 241 -6.32 11.15 4.90
CA LYS A 241 -5.23 11.68 5.72
C LYS A 241 -5.67 11.78 7.20
N ASN A 242 -6.89 12.29 7.39
CA ASN A 242 -7.53 12.36 8.70
C ASN A 242 -7.66 10.96 9.34
N PHE A 243 -8.12 9.99 8.54
CA PHE A 243 -8.29 8.61 8.98
C PHE A 243 -6.95 7.98 9.36
N MET A 244 -5.95 8.17 8.50
CA MET A 244 -4.60 7.70 8.80
C MET A 244 -4.05 8.25 10.11
N ASP A 245 -4.26 9.55 10.34
CA ASP A 245 -3.78 10.13 11.60
C ASP A 245 -4.42 9.46 12.83
N SER A 246 -5.69 9.09 12.71
N SER A 246 -5.69 9.08 12.71
CA SER A 246 -6.39 8.41 13.80
CA SER A 246 -6.39 8.41 13.82
C SER A 246 -5.72 7.07 14.11
C SER A 246 -5.77 7.04 14.12
N ILE A 247 -5.39 6.32 13.06
CA ILE A 247 -4.71 5.03 13.18
C ILE A 247 -3.32 5.24 13.80
N LEU A 248 -2.54 6.15 13.23
CA LEU A 248 -1.15 6.34 13.63
C LEU A 248 -1.00 6.90 15.03
N SER A 249 -1.99 7.68 15.46
CA SER A 249 -2.01 8.21 16.82
C SER A 249 -2.38 7.17 17.86
N TYR A 250 -3.07 6.11 17.44
CA TYR A 250 -3.56 5.07 18.34
C TYR A 250 -2.53 3.96 18.50
N ARG A 251 -2.17 3.34 17.37
CA ARG A 251 -1.08 2.39 17.30
C ARG A 251 -0.65 2.28 15.84
N PRO A 252 0.51 2.84 15.49
CA PRO A 252 0.89 2.87 14.07
C PRO A 252 1.19 1.47 13.51
N VAL A 253 0.64 1.21 12.33
CA VAL A 253 0.96 0.01 11.56
C VAL A 253 1.16 0.41 10.11
N PHE A 254 1.92 -0.40 9.37
CA PHE A 254 2.12 -0.18 7.94
C PHE A 254 0.77 -0.27 7.23
N THR A 255 0.43 0.78 6.49
CA THR A 255 -0.83 0.82 5.75
C THR A 255 -0.53 1.13 4.29
N PHE A 256 -1.15 0.37 3.39
CA PHE A 256 -0.98 0.62 1.97
C PHE A 256 -2.31 0.60 1.25
N GLY A 257 -2.55 1.61 0.43
CA GLY A 257 -3.83 1.74 -0.27
C GLY A 257 -3.83 1.11 -1.65
N GLU A 258 -5.01 0.67 -2.09
CA GLU A 258 -5.18 0.23 -3.46
C GLU A 258 -5.69 1.37 -4.34
N TRP A 259 -4.79 1.93 -5.14
CA TRP A 259 -5.15 2.93 -6.14
C TRP A 259 -4.90 2.30 -7.50
N PHE A 260 -5.97 1.73 -8.08
CA PHE A 260 -5.84 0.97 -9.33
C PHE A 260 -5.34 1.86 -10.46
N LEU A 261 -4.32 1.40 -11.18
CA LEU A 261 -3.86 2.05 -12.41
C LEU A 261 -3.77 1.01 -13.53
N GLY A 262 -4.20 1.41 -14.72
CA GLY A 262 -4.09 0.55 -15.90
C GLY A 262 -2.71 0.61 -16.52
N THR A 263 -2.51 -0.19 -17.56
CA THR A 263 -1.29 -0.18 -18.34
C THR A 263 -1.05 1.24 -18.86
N ASN A 264 0.17 1.74 -18.66
CA ASN A 264 0.59 3.06 -19.15
C ASN A 264 -0.15 4.26 -18.55
N GLU A 265 -0.99 4.04 -17.54
CA GLU A 265 -1.78 5.13 -16.97
C GLU A 265 -0.93 6.10 -16.15
N ILE A 266 -1.15 7.38 -16.39
CA ILE A 266 -0.54 8.48 -15.65
C ILE A 266 -1.61 9.10 -14.75
N ASP A 267 -1.29 9.25 -13.47
CA ASP A 267 -2.20 9.91 -12.54
C ASP A 267 -1.45 10.66 -11.45
N VAL A 268 -1.39 11.97 -11.59
CA VAL A 268 -0.68 12.82 -10.62
C VAL A 268 -1.30 12.75 -9.22
N ASN A 269 -2.59 12.44 -9.15
CA ASN A 269 -3.26 12.28 -7.86
C ASN A 269 -2.75 11.05 -7.11
N ASN A 270 -2.34 10.04 -7.87
CA ASN A 270 -1.75 8.83 -7.28
C ASN A 270 -0.39 9.14 -6.63
N THR A 271 0.46 9.90 -7.33
CA THR A 271 1.73 10.37 -6.75
C THR A 271 1.51 11.18 -5.46
N TYR A 272 0.65 12.18 -5.55
CA TYR A 272 0.35 13.02 -4.40
C TYR A 272 -0.13 12.18 -3.21
N PHE A 273 -1.05 11.26 -3.47
CA PHE A 273 -1.59 10.39 -2.43
C PHE A 273 -0.49 9.61 -1.70
N ALA A 274 0.39 8.96 -2.46
CA ALA A 274 1.50 8.20 -1.87
C ALA A 274 2.42 9.09 -1.03
N ASN A 275 2.60 10.33 -1.47
CA ASN A 275 3.55 11.23 -0.81
C ASN A 275 3.00 12.00 0.38
N GLU A 276 1.67 12.07 0.48
CA GLU A 276 1.05 13.00 1.44
C GLU A 276 0.02 12.39 2.40
N SER A 277 -0.52 11.21 2.06
CA SER A 277 -1.65 10.65 2.83
C SER A 277 -1.29 10.09 4.21
N GLY A 278 -0.02 9.71 4.37
CA GLY A 278 0.39 8.98 5.57
C GLY A 278 0.33 7.47 5.39
N MET A 279 -0.11 7.03 4.21
CA MET A 279 -0.07 5.61 3.86
C MET A 279 0.71 5.38 2.55
N SER A 280 1.10 4.14 2.34
CA SER A 280 1.82 3.73 1.14
C SER A 280 0.81 3.29 0.06
N LEU A 281 1.33 2.85 -1.09
CA LEU A 281 0.45 2.35 -2.16
C LEU A 281 0.90 1.02 -2.72
N LEU A 282 -0.08 0.20 -3.10
CA LEU A 282 0.17 -0.89 -4.05
C LEU A 282 0.75 -0.28 -5.33
N ASP A 283 1.81 -0.89 -5.83
CA ASP A 283 2.59 -0.34 -6.93
C ASP A 283 2.07 -0.85 -8.27
N PHE A 284 1.00 -0.23 -8.77
CA PHE A 284 0.42 -0.62 -10.05
C PHE A 284 1.29 -0.25 -11.25
N ARG A 285 2.10 0.80 -11.11
CA ARG A 285 3.05 1.12 -12.17
C ARG A 285 4.08 -0.01 -12.35
N PHE A 286 4.61 -0.50 -11.23
CA PHE A 286 5.53 -1.65 -11.23
C PHE A 286 4.81 -2.88 -11.80
N SER A 287 3.66 -3.22 -11.22
CA SER A 287 2.94 -4.44 -11.62
C SER A 287 2.59 -4.46 -13.10
N GLN A 288 2.00 -3.38 -13.60
CA GLN A 288 1.58 -3.33 -15.00
C GLN A 288 2.76 -3.41 -15.95
N LYS A 289 3.87 -2.76 -15.58
CA LYS A 289 5.05 -2.84 -16.44
C LYS A 289 5.65 -4.25 -16.47
N VAL A 290 5.72 -4.90 -15.30
CA VAL A 290 6.22 -6.27 -15.22
C VAL A 290 5.36 -7.19 -16.10
N ARG A 291 4.05 -6.96 -16.10
CA ARG A 291 3.16 -7.74 -16.97
C ARG A 291 3.42 -7.48 -18.46
N GLN A 292 3.58 -6.21 -18.83
CA GLN A 292 3.94 -5.86 -20.21
C GLN A 292 5.21 -6.54 -20.68
N VAL A 293 6.20 -6.61 -19.81
CA VAL A 293 7.54 -7.04 -20.19
C VAL A 293 7.70 -8.57 -20.16
N PHE A 294 7.12 -9.21 -19.14
CA PHE A 294 7.30 -10.65 -18.94
C PHE A 294 6.10 -11.51 -19.37
N ARG A 295 4.89 -10.95 -19.35
CA ARG A 295 3.69 -11.74 -19.63
C ARG A 295 3.12 -11.52 -21.02
N ASP A 296 2.90 -10.25 -21.39
CA ASP A 296 2.04 -9.91 -22.53
C ASP A 296 2.80 -9.37 -23.74
N ASN A 297 4.11 -9.23 -23.59
CA ASN A 297 5.02 -8.81 -24.65
C ASN A 297 4.66 -7.46 -25.31
N THR A 298 4.40 -6.43 -24.50
CA THR A 298 4.09 -5.11 -25.05
C THR A 298 5.06 -3.99 -24.63
N ASP A 299 6.10 -4.34 -23.89
CA ASP A 299 7.24 -3.44 -23.68
C ASP A 299 8.51 -4.26 -23.46
N THR A 300 9.66 -3.58 -23.49
CA THR A 300 10.97 -4.22 -23.44
C THR A 300 11.61 -3.98 -22.08
N MET A 301 12.82 -4.49 -21.89
CA MET A 301 13.56 -4.23 -20.64
C MET A 301 13.87 -2.74 -20.45
N TYR A 302 13.98 -2.01 -21.56
CA TYR A 302 14.14 -0.55 -21.48
C TYR A 302 12.96 0.09 -20.76
N GLY A 303 11.75 -0.39 -21.07
CA GLY A 303 10.52 0.06 -20.41
C GLY A 303 10.52 -0.27 -18.93
N LEU A 304 11.01 -1.46 -18.60
CA LEU A 304 11.14 -1.89 -17.21
C LEU A 304 12.07 -0.96 -16.43
N ASP A 305 13.24 -0.68 -17.00
CA ASP A 305 14.18 0.24 -16.35
C ASP A 305 13.62 1.65 -16.24
N SER A 306 12.89 2.08 -17.26
N SER A 306 12.91 2.09 -17.27
CA SER A 306 12.27 3.41 -17.27
CA SER A 306 12.27 3.41 -17.26
C SER A 306 11.22 3.56 -16.16
C SER A 306 11.31 3.52 -16.07
N MET A 307 10.51 2.48 -15.88
CA MET A 307 9.56 2.42 -14.76
C MET A 307 10.29 2.48 -13.41
N ILE A 308 11.39 1.75 -13.28
CA ILE A 308 12.20 1.76 -12.06
C ILE A 308 12.71 3.18 -11.78
N GLN A 309 13.23 3.85 -12.80
CA GLN A 309 13.74 5.21 -12.61
C GLN A 309 12.64 6.25 -12.36
N SER A 310 11.52 6.13 -13.08
CA SER A 310 10.44 7.10 -12.94
C SER A 310 9.71 6.99 -11.60
N THR A 311 9.41 5.77 -11.18
CA THR A 311 8.79 5.55 -9.87
C THR A 311 9.69 6.08 -8.74
N ALA A 312 11.00 5.80 -8.83
CA ALA A 312 11.97 6.29 -7.85
C ALA A 312 11.97 7.82 -7.78
N SER A 313 11.81 8.46 -8.93
CA SER A 313 11.75 9.92 -8.98
C SER A 313 10.46 10.47 -8.36
N ASP A 314 9.34 9.83 -8.68
CA ASP A 314 8.03 10.35 -8.29
C ASP A 314 7.68 10.12 -6.83
N TYR A 315 8.01 8.94 -6.32
CA TYR A 315 7.60 8.54 -4.98
C TYR A 315 8.69 8.86 -3.97
N ASN A 316 8.30 9.56 -2.91
CA ASN A 316 9.23 9.92 -1.85
C ASN A 316 9.69 8.72 -1.02
N PHE A 317 8.83 7.69 -0.94
CA PHE A 317 9.09 6.54 -0.08
C PHE A 317 9.08 5.24 -0.91
N ILE A 318 10.04 5.14 -1.82
CA ILE A 318 10.09 4.04 -2.76
C ILE A 318 10.21 2.67 -2.08
N ASN A 319 10.82 2.63 -0.90
CA ASN A 319 10.96 1.37 -0.17
C ASN A 319 9.64 0.87 0.44
N ASP A 320 8.62 1.72 0.39
CA ASP A 320 7.28 1.38 0.89
C ASP A 320 6.32 0.90 -0.21
N MET A 321 6.75 0.95 -1.47
CA MET A 321 5.87 0.55 -2.59
C MET A 321 5.57 -0.94 -2.52
N VAL A 322 4.29 -1.32 -2.46
CA VAL A 322 3.94 -2.73 -2.36
C VAL A 322 3.79 -3.33 -3.76
N THR A 323 4.76 -4.14 -4.15
CA THR A 323 4.83 -4.65 -5.52
C THR A 323 4.16 -6.02 -5.65
N PHE A 324 3.77 -6.37 -6.87
CA PHE A 324 3.04 -7.61 -7.14
C PHE A 324 2.97 -7.80 -8.64
N ILE A 325 2.77 -9.04 -9.08
CA ILE A 325 2.65 -9.34 -10.52
C ILE A 325 1.22 -9.67 -10.96
N ASP A 326 0.38 -10.02 -9.98
CA ASP A 326 -1.07 -10.17 -10.21
C ASP A 326 -1.80 -10.08 -8.87
N ASN A 327 -3.12 -10.21 -8.94
CA ASN A 327 -3.97 -10.19 -7.75
C ASN A 327 -5.36 -10.69 -8.10
N HIS A 328 -6.28 -10.57 -7.15
CA HIS A 328 -7.63 -11.10 -7.29
C HIS A 328 -8.53 -10.32 -8.27
N ASP A 329 -8.02 -9.22 -8.82
CA ASP A 329 -8.74 -8.42 -9.82
C ASP A 329 -8.09 -8.49 -11.21
N MET A 330 -6.98 -9.20 -11.32
CA MET A 330 -6.21 -9.27 -12.57
C MET A 330 -6.19 -10.69 -13.12
N ASP A 331 -5.90 -10.83 -14.41
CA ASP A 331 -5.68 -12.15 -14.99
C ASP A 331 -4.46 -12.80 -14.34
N ARG A 332 -4.58 -14.09 -13.99
CA ARG A 332 -3.46 -14.82 -13.39
C ARG A 332 -2.22 -14.71 -14.25
N PHE A 333 -1.08 -14.48 -13.61
CA PHE A 333 0.15 -14.24 -14.37
C PHE A 333 0.50 -15.41 -15.28
N TYR A 334 0.45 -16.64 -14.75
CA TYR A 334 0.65 -17.80 -15.61
C TYR A 334 -0.56 -17.99 -16.51
N ASN A 335 -0.30 -18.13 -17.81
CA ASN A 335 -1.35 -18.06 -18.82
C ASN A 335 -1.24 -19.19 -19.84
N GLY A 336 -0.52 -20.24 -19.46
CA GLY A 336 -0.19 -21.35 -20.36
C GLY A 336 1.22 -21.20 -20.91
N GLY A 337 1.72 -22.26 -21.54
CA GLY A 337 3.07 -22.25 -22.10
C GLY A 337 4.14 -22.39 -21.04
N SER A 338 5.33 -21.88 -21.34
CA SER A 338 6.46 -21.96 -20.40
C SER A 338 6.13 -21.31 -19.06
N THR A 339 6.61 -21.91 -17.97
CA THR A 339 6.49 -21.31 -16.66
C THR A 339 7.68 -20.39 -16.33
N ARG A 340 8.66 -20.33 -17.23
CA ARG A 340 9.80 -19.45 -16.97
C ARG A 340 9.43 -17.96 -16.80
N PRO A 341 8.55 -17.41 -17.67
CA PRO A 341 8.17 -16.00 -17.46
C PRO A 341 7.66 -15.65 -16.05
N VAL A 342 6.76 -16.46 -15.49
CA VAL A 342 6.29 -16.17 -14.13
C VAL A 342 7.39 -16.34 -13.09
N GLU A 343 8.27 -17.33 -13.30
CA GLU A 343 9.41 -17.53 -12.41
C GLU A 343 10.32 -16.30 -12.44
N GLN A 344 10.53 -15.74 -13.62
CA GLN A 344 11.34 -14.53 -13.76
C GLN A 344 10.68 -13.31 -13.14
N ALA A 345 9.36 -13.18 -13.32
CA ALA A 345 8.64 -12.04 -12.74
C ALA A 345 8.68 -12.12 -11.20
N LEU A 346 8.57 -13.33 -10.67
CA LEU A 346 8.74 -13.53 -9.23
C LEU A 346 10.14 -13.13 -8.76
N ALA A 347 11.17 -13.61 -9.47
CA ALA A 347 12.56 -13.31 -9.11
C ALA A 347 12.82 -11.81 -9.15
N PHE A 348 12.28 -11.16 -10.18
CA PHE A 348 12.44 -9.71 -10.31
C PHE A 348 11.79 -8.98 -9.13
N THR A 349 10.55 -9.35 -8.83
CA THR A 349 9.81 -8.69 -7.76
C THR A 349 10.51 -8.90 -6.40
N LEU A 350 10.94 -10.13 -6.15
CA LEU A 350 11.53 -10.48 -4.86
C LEU A 350 12.88 -9.81 -4.58
N THR A 351 13.57 -9.42 -5.64
CA THR A 351 14.89 -8.78 -5.51
C THR A 351 14.87 -7.27 -5.78
N SER A 352 13.69 -6.74 -6.13
CA SER A 352 13.55 -5.31 -6.42
C SER A 352 13.05 -4.52 -5.21
N ARG A 353 13.08 -3.19 -5.34
CA ARG A 353 12.77 -2.30 -4.22
C ARG A 353 11.30 -2.39 -3.81
N GLY A 354 11.04 -2.10 -2.53
CA GLY A 354 9.68 -2.04 -2.00
C GLY A 354 9.32 -3.18 -1.08
N VAL A 355 8.08 -3.64 -1.20
CA VAL A 355 7.51 -4.69 -0.35
C VAL A 355 6.80 -5.68 -1.27
N PRO A 356 7.44 -6.83 -1.57
CA PRO A 356 6.83 -7.79 -2.48
C PRO A 356 5.61 -8.50 -1.91
N ALA A 357 4.57 -8.63 -2.73
CA ALA A 357 3.39 -9.41 -2.40
C ALA A 357 3.15 -10.46 -3.48
N ILE A 358 2.87 -11.68 -3.06
CA ILE A 358 2.64 -12.81 -3.95
C ILE A 358 1.23 -13.36 -3.76
N TYR A 359 0.45 -13.39 -4.85
CA TYR A 359 -0.93 -13.86 -4.81
C TYR A 359 -0.95 -15.39 -4.61
N TYR A 360 -1.77 -15.88 -3.69
CA TYR A 360 -1.82 -17.32 -3.38
C TYR A 360 -1.94 -18.15 -4.67
N GLY A 361 -1.16 -19.22 -4.76
CA GLY A 361 -1.24 -20.12 -5.90
C GLY A 361 -0.36 -19.77 -7.07
N THR A 362 0.28 -18.60 -7.04
CA THR A 362 1.25 -18.26 -8.08
C THR A 362 2.32 -19.36 -8.10
N GLU A 363 2.69 -19.83 -6.90
CA GLU A 363 3.73 -20.84 -6.76
C GLU A 363 3.29 -22.24 -7.21
N GLN A 364 1.99 -22.38 -7.52
CA GLN A 364 1.43 -23.62 -8.05
C GLN A 364 0.98 -23.49 -9.50
N TYR A 365 1.37 -22.38 -10.14
CA TYR A 365 1.03 -22.10 -11.54
C TYR A 365 -0.48 -22.13 -11.79
N MET A 366 -1.25 -21.60 -10.84
CA MET A 366 -2.69 -21.48 -11.03
C MET A 366 -3.02 -20.52 -12.17
N THR A 367 -4.02 -20.90 -12.97
CA THR A 367 -4.47 -20.09 -14.08
C THR A 367 -5.88 -19.57 -13.84
N GLY A 368 -6.27 -18.55 -14.59
CA GLY A 368 -7.61 -18.03 -14.50
C GLY A 368 -7.63 -16.57 -14.89
N ASN A 369 -8.31 -16.28 -16.00
CA ASN A 369 -8.40 -14.91 -16.49
C ASN A 369 -9.75 -14.30 -16.14
N GLY A 370 -9.70 -13.18 -15.43
CA GLY A 370 -10.89 -12.45 -15.01
C GLY A 370 -11.45 -12.91 -13.68
N ASP A 371 -12.02 -11.97 -12.93
CA ASP A 371 -12.79 -12.25 -11.71
C ASP A 371 -14.07 -12.96 -12.18
N PRO A 372 -14.40 -14.14 -11.61
CA PRO A 372 -13.83 -14.89 -10.49
C PRO A 372 -12.92 -16.08 -10.83
N TYR A 373 -12.61 -16.27 -12.11
CA TYR A 373 -11.78 -17.39 -12.55
C TYR A 373 -10.38 -17.35 -11.94
N ASN A 374 -9.95 -16.14 -11.60
CA ASN A 374 -8.65 -15.93 -10.92
C ASN A 374 -8.69 -16.22 -9.42
N ARG A 375 -9.83 -16.71 -8.92
CA ARG A 375 -10.03 -16.96 -7.49
C ARG A 375 -10.43 -18.41 -7.20
N ALA A 376 -9.91 -19.35 -7.98
CA ALA A 376 -10.23 -20.76 -7.78
C ALA A 376 -9.70 -21.25 -6.43
N MET A 377 -10.27 -22.36 -5.93
CA MET A 377 -9.74 -22.97 -4.72
C MET A 377 -8.27 -23.34 -4.91
N MET A 378 -7.44 -23.05 -3.92
CA MET A 378 -6.02 -23.40 -3.95
C MET A 378 -5.86 -24.84 -4.43
N THR A 379 -5.05 -25.04 -5.46
CA THR A 379 -5.03 -26.32 -6.19
C THR A 379 -4.16 -27.40 -5.56
N SER A 380 -3.10 -26.99 -4.87
CA SER A 380 -2.03 -27.90 -4.44
C SER A 380 -1.15 -27.24 -3.40
N PHE A 381 -0.51 -28.06 -2.57
CA PHE A 381 0.53 -27.58 -1.65
C PHE A 381 1.88 -28.25 -1.92
N ASN A 382 2.10 -28.57 -3.20
CA ASN A 382 3.36 -29.14 -3.67
C ASN A 382 4.54 -28.20 -3.40
N THR A 383 5.51 -28.66 -2.61
CA THR A 383 6.63 -27.80 -2.22
C THR A 383 7.83 -27.98 -3.15
N SER A 384 7.64 -28.73 -4.23
CA SER A 384 8.74 -29.06 -5.14
C SER A 384 8.73 -28.25 -6.44
N THR A 385 7.72 -27.41 -6.63
CA THR A 385 7.63 -26.62 -7.86
C THR A 385 8.80 -25.64 -7.95
N THR A 386 9.23 -25.36 -9.18
CA THR A 386 10.29 -24.38 -9.38
C THR A 386 9.94 -23.03 -8.75
N ALA A 387 8.71 -22.56 -8.96
CA ALA A 387 8.29 -21.27 -8.40
C ALA A 387 8.32 -21.24 -6.87
N TYR A 388 7.88 -22.33 -6.22
CA TYR A 388 7.94 -22.41 -4.76
C TYR A 388 9.38 -22.21 -4.29
N ASN A 389 10.32 -22.87 -4.97
CA ASN A 389 11.72 -22.79 -4.60
C ASN A 389 12.43 -21.50 -4.99
N VAL A 390 11.94 -20.82 -6.04
CA VAL A 390 12.42 -19.46 -6.34
C VAL A 390 12.11 -18.55 -5.15
N ILE A 391 10.88 -18.64 -4.63
CA ILE A 391 10.48 -17.83 -3.49
C ILE A 391 11.29 -18.23 -2.25
N LYS A 392 11.42 -19.54 -2.02
CA LYS A 392 12.17 -20.06 -0.89
C LYS A 392 13.62 -19.54 -0.84
N LYS A 393 14.26 -19.45 -2.00
CA LYS A 393 15.66 -19.00 -2.07
C LYS A 393 15.82 -17.48 -1.99
N LEU A 394 14.86 -16.74 -2.55
CA LEU A 394 15.01 -15.30 -2.66
C LEU A 394 14.34 -14.49 -1.54
N ALA A 395 13.20 -14.97 -1.04
CA ALA A 395 12.50 -14.22 0.01
C ALA A 395 13.39 -13.89 1.24
N PRO A 396 14.16 -14.86 1.75
CA PRO A 396 14.99 -14.58 2.93
C PRO A 396 16.06 -13.51 2.71
N LEU A 397 16.41 -13.23 1.46
CA LEU A 397 17.45 -12.23 1.19
C LEU A 397 17.02 -10.83 1.63
N ARG A 398 15.71 -10.59 1.73
CA ARG A 398 15.25 -9.27 2.16
C ARG A 398 15.57 -9.05 3.65
N LYS A 399 15.76 -10.15 4.38
CA LYS A 399 16.13 -10.10 5.79
C LYS A 399 17.66 -10.10 5.95
N SER A 400 18.34 -10.91 5.13
CA SER A 400 19.78 -11.10 5.29
C SER A 400 20.64 -10.08 4.56
N ASN A 401 20.10 -9.50 3.48
CA ASN A 401 20.84 -8.52 2.68
C ASN A 401 20.15 -7.16 2.62
N PRO A 402 20.66 -6.18 3.37
CA PRO A 402 19.99 -4.87 3.43
C PRO A 402 19.98 -4.12 2.09
N ALA A 403 20.85 -4.50 1.15
CA ALA A 403 20.79 -3.92 -0.20
C ALA A 403 19.46 -4.24 -0.87
N ILE A 404 18.95 -5.44 -0.63
CA ILE A 404 17.68 -5.85 -1.22
C ILE A 404 16.49 -5.18 -0.52
N ALA A 405 16.55 -5.11 0.82
CA ALA A 405 15.47 -4.48 1.56
C ALA A 405 15.40 -2.97 1.35
N TYR A 406 16.56 -2.32 1.26
CA TYR A 406 16.63 -0.86 1.36
C TYR A 406 17.38 -0.14 0.26
N GLY A 407 18.12 -0.88 -0.57
CA GLY A 407 19.09 -0.28 -1.45
C GLY A 407 18.54 0.50 -2.64
N THR A 408 19.39 1.35 -3.20
CA THR A 408 19.11 1.98 -4.47
C THR A 408 19.06 0.93 -5.58
N THR A 409 18.62 1.33 -6.76
CA THR A 409 18.61 0.45 -7.94
C THR A 409 19.33 1.15 -9.09
N GLN A 410 20.33 0.49 -9.66
CA GLN A 410 21.07 1.03 -10.80
C GLN A 410 21.11 0.00 -11.94
N GLN A 411 20.75 0.43 -13.15
CA GLN A 411 20.97 -0.42 -14.33
C GLN A 411 22.46 -0.60 -14.56
N ARG A 412 22.87 -1.85 -14.77
CA ARG A 412 24.26 -2.17 -15.11
C ARG A 412 24.41 -2.72 -16.53
N TRP A 413 23.35 -3.27 -17.10
CA TRP A 413 23.39 -3.79 -18.48
C TRP A 413 21.96 -3.90 -18.95
N ILE A 414 21.72 -3.51 -20.21
CA ILE A 414 20.37 -3.54 -20.73
C ILE A 414 20.33 -3.68 -22.26
N ASN A 415 19.47 -4.58 -22.73
CA ASN A 415 18.99 -4.55 -24.11
C ASN A 415 17.50 -4.87 -24.12
N ASN A 416 16.90 -5.16 -25.29
CA ASN A 416 15.46 -5.43 -25.30
C ASN A 416 15.04 -6.56 -24.37
N ASP A 417 15.90 -7.57 -24.25
CA ASP A 417 15.60 -8.80 -23.51
C ASP A 417 16.32 -9.00 -22.19
N VAL A 418 17.40 -8.25 -21.97
CA VAL A 418 18.26 -8.43 -20.81
C VAL A 418 18.21 -7.21 -19.89
N TYR A 419 18.04 -7.47 -18.60
CA TYR A 419 18.18 -6.43 -17.58
C TYR A 419 19.11 -6.97 -16.52
N ILE A 420 20.24 -6.29 -16.33
CA ILE A 420 21.11 -6.55 -15.20
C ILE A 420 21.11 -5.31 -14.33
N TYR A 421 20.65 -5.45 -13.10
CA TYR A 421 20.49 -4.31 -12.19
C TYR A 421 21.14 -4.57 -10.86
N GLU A 422 21.55 -3.49 -10.20
CA GLU A 422 22.27 -3.56 -8.94
C GLU A 422 21.52 -2.86 -7.82
N ARG A 423 21.37 -3.57 -6.71
CA ARG A 423 20.84 -3.01 -5.46
C ARG A 423 22.04 -2.71 -4.57
N LYS A 424 22.07 -1.52 -3.98
CA LYS A 424 23.22 -1.11 -3.17
C LYS A 424 22.81 -0.31 -1.94
N PHE A 425 23.37 -0.69 -0.79
CA PHE A 425 23.12 -0.02 0.48
C PHE A 425 24.44 -0.02 1.23
N GLY A 426 25.14 1.11 1.18
CA GLY A 426 26.53 1.16 1.65
C GLY A 426 27.35 0.18 0.83
N ASN A 427 28.07 -0.70 1.53
CA ASN A 427 28.91 -1.72 0.88
C ASN A 427 28.21 -3.05 0.65
N ASN A 428 26.92 -3.10 0.98
CA ASN A 428 26.06 -4.25 0.68
C ASN A 428 25.57 -4.12 -0.74
N VAL A 429 25.67 -5.22 -1.49
CA VAL A 429 25.33 -5.23 -2.91
C VAL A 429 24.56 -6.49 -3.28
N ALA A 430 23.60 -6.36 -4.19
CA ALA A 430 23.06 -7.51 -4.90
C ALA A 430 23.00 -7.15 -6.38
N LEU A 431 23.46 -8.09 -7.21
CA LEU A 431 23.46 -7.92 -8.65
C LEU A 431 22.59 -9.02 -9.25
N VAL A 432 21.62 -8.62 -10.06
CA VAL A 432 20.66 -9.57 -10.65
C VAL A 432 20.65 -9.44 -12.16
N ALA A 433 20.78 -10.59 -12.85
CA ALA A 433 20.72 -10.64 -14.30
C ALA A 433 19.53 -11.46 -14.76
N ILE A 434 18.75 -10.91 -15.69
CA ILE A 434 17.59 -11.59 -16.23
C ILE A 434 17.59 -11.51 -17.75
N ASN A 435 17.45 -12.65 -18.41
CA ASN A 435 17.23 -12.70 -19.85
C ASN A 435 15.85 -13.29 -20.14
N ARG A 436 14.92 -12.45 -20.56
CA ARG A 436 13.54 -12.89 -20.78
C ARG A 436 13.37 -13.74 -22.05
N ASN A 437 14.34 -13.68 -22.95
CA ASN A 437 14.23 -14.41 -24.21
C ASN A 437 14.39 -15.91 -23.98
N LEU A 438 13.40 -16.67 -24.41
CA LEU A 438 13.38 -18.10 -24.08
C LEU A 438 14.07 -18.96 -25.15
N SER A 439 14.59 -18.31 -26.21
CA SER A 439 15.23 -19.04 -27.29
CA SER A 439 15.22 -19.01 -27.32
C SER A 439 16.64 -18.52 -27.61
N THR A 440 16.97 -17.32 -27.13
CA THR A 440 18.22 -16.66 -27.50
C THR A 440 19.07 -16.28 -26.30
N SER A 441 20.37 -16.58 -26.37
CA SER A 441 21.31 -16.18 -25.33
C SER A 441 22.01 -14.87 -25.72
N TYR A 442 22.64 -14.23 -24.74
CA TYR A 442 23.39 -13.00 -24.99
C TYR A 442 24.78 -13.06 -24.37
N ASN A 443 25.75 -12.48 -25.09
CA ASN A 443 27.12 -12.36 -24.62
C ASN A 443 27.27 -11.10 -23.78
N ILE A 444 27.58 -11.25 -22.50
CA ILE A 444 27.63 -10.10 -21.61
C ILE A 444 29.06 -9.59 -21.43
N THR A 445 29.37 -8.52 -22.16
CA THR A 445 30.66 -7.84 -22.09
C THR A 445 30.45 -6.41 -21.62
N GLY A 446 31.47 -5.83 -20.98
CA GLY A 446 31.38 -4.45 -20.51
C GLY A 446 30.53 -4.26 -19.26
N LEU A 447 30.25 -5.35 -18.56
CA LEU A 447 29.52 -5.26 -17.29
C LEU A 447 30.43 -4.82 -16.15
N TYR A 448 29.96 -3.83 -15.38
CA TYR A 448 30.62 -3.40 -14.14
C TYR A 448 29.68 -3.56 -12.95
N THR A 449 30.26 -3.70 -11.76
CA THR A 449 29.49 -3.86 -10.53
C THR A 449 30.24 -3.31 -9.33
N ALA A 450 29.48 -2.98 -8.27
CA ALA A 450 30.07 -2.57 -7.00
C ALA A 450 30.46 -3.76 -6.11
N LEU A 451 30.15 -4.98 -6.54
CA LEU A 451 30.60 -6.17 -5.82
C LEU A 451 32.12 -6.13 -5.68
N PRO A 452 32.65 -6.44 -4.48
CA PRO A 452 34.11 -6.54 -4.33
C PRO A 452 34.73 -7.59 -5.25
N ALA A 453 36.02 -7.46 -5.50
CA ALA A 453 36.74 -8.44 -6.32
C ALA A 453 36.55 -9.86 -5.76
N GLY A 454 36.34 -10.81 -6.67
CA GLY A 454 36.17 -12.21 -6.30
C GLY A 454 35.24 -12.97 -7.23
N THR A 455 34.98 -14.23 -6.87
CA THR A 455 34.07 -15.10 -7.62
C THR A 455 32.78 -15.28 -6.82
N TYR A 456 31.64 -15.11 -7.50
CA TYR A 456 30.34 -15.16 -6.85
C TYR A 456 29.50 -16.27 -7.42
N THR A 457 28.90 -17.06 -6.54
CA THR A 457 27.98 -18.13 -6.95
C THR A 457 26.57 -17.58 -7.04
N ASP A 458 25.76 -18.19 -7.91
CA ASP A 458 24.35 -17.83 -8.05
C ASP A 458 23.59 -18.24 -6.79
N VAL A 459 22.92 -17.28 -6.15
CA VAL A 459 22.12 -17.54 -4.95
C VAL A 459 21.02 -18.57 -5.25
N LEU A 460 20.54 -18.56 -6.49
CA LEU A 460 19.51 -19.50 -6.91
C LEU A 460 20.07 -20.92 -7.14
N GLY A 461 21.39 -21.07 -7.08
CA GLY A 461 22.04 -22.38 -7.28
C GLY A 461 21.73 -23.04 -8.62
N GLY A 462 21.51 -22.21 -9.64
CA GLY A 462 21.23 -22.70 -10.99
C GLY A 462 19.78 -23.11 -11.22
N LEU A 463 18.92 -22.82 -10.24
CA LEU A 463 17.50 -23.17 -10.37
C LEU A 463 16.88 -22.57 -11.63
N LEU A 464 17.27 -21.34 -11.95
CA LEU A 464 16.81 -20.69 -13.16
C LEU A 464 17.97 -20.54 -14.16
N ASN A 465 18.81 -21.57 -14.21
CA ASN A 465 19.93 -21.68 -15.16
C ASN A 465 21.06 -20.68 -14.91
N GLY A 466 21.07 -20.10 -13.72
CA GLY A 466 22.14 -19.17 -13.33
C GLY A 466 23.48 -19.86 -13.13
N ASN A 467 24.54 -19.04 -13.14
CA ASN A 467 25.89 -19.55 -12.98
C ASN A 467 26.75 -18.48 -12.27
N SER A 468 28.01 -18.81 -12.04
CA SER A 468 28.92 -17.93 -11.32
C SER A 468 29.50 -16.82 -12.18
N ILE A 469 29.94 -15.74 -11.54
CA ILE A 469 30.69 -14.68 -12.20
C ILE A 469 31.99 -14.36 -11.46
N SER A 470 32.94 -13.77 -12.17
CA SER A 470 34.17 -13.27 -11.57
C SER A 470 34.29 -11.76 -11.75
N VAL A 471 34.64 -11.08 -10.66
CA VAL A 471 34.71 -9.62 -10.61
C VAL A 471 36.13 -9.18 -10.26
N ALA A 472 36.65 -8.20 -11.01
CA ALA A 472 37.98 -7.65 -10.78
C ALA A 472 37.93 -6.45 -9.81
N SER A 473 39.10 -5.96 -9.41
CA SER A 473 39.16 -4.83 -8.47
C SER A 473 38.53 -3.55 -8.99
N ASP A 474 38.54 -3.36 -10.31
CA ASP A 474 37.93 -2.17 -10.91
C ASP A 474 36.44 -2.34 -11.18
N GLY A 475 35.89 -3.48 -10.73
CA GLY A 475 34.46 -3.75 -10.87
C GLY A 475 34.06 -4.44 -12.16
N SER A 476 35.02 -4.65 -13.07
CA SER A 476 34.70 -5.30 -14.34
C SER A 476 34.39 -6.78 -14.15
N VAL A 477 33.33 -7.24 -14.81
CA VAL A 477 32.91 -8.64 -14.72
C VAL A 477 33.43 -9.39 -15.95
N THR A 478 34.08 -10.54 -15.71
CA THR A 478 34.59 -11.38 -16.79
C THR A 478 33.42 -11.74 -17.71
N PRO A 479 33.62 -11.59 -19.05
CA PRO A 479 32.54 -11.92 -19.97
C PRO A 479 31.93 -13.29 -19.71
N PHE A 480 30.61 -13.37 -19.80
CA PHE A 480 29.88 -14.62 -19.62
C PHE A 480 28.67 -14.66 -20.51
N THR A 481 28.13 -15.86 -20.69
CA THR A 481 26.92 -16.09 -21.48
C THR A 481 25.70 -16.07 -20.58
N LEU A 482 24.74 -15.22 -20.90
CA LEU A 482 23.45 -15.21 -20.23
C LEU A 482 22.52 -16.03 -21.11
N SER A 483 22.28 -17.27 -20.69
CA SER A 483 21.52 -18.23 -21.50
C SER A 483 20.04 -17.85 -21.62
N ALA A 484 19.34 -18.50 -22.56
CA ALA A 484 17.92 -18.27 -22.75
C ALA A 484 17.16 -18.51 -21.44
N GLY A 485 16.38 -17.51 -21.04
CA GLY A 485 15.55 -17.62 -19.83
C GLY A 485 16.30 -17.57 -18.51
N GLU A 486 17.60 -17.26 -18.55
CA GLU A 486 18.42 -17.28 -17.33
C GLU A 486 18.07 -16.17 -16.35
N VAL A 487 18.06 -16.51 -15.06
CA VAL A 487 18.10 -15.53 -13.98
C VAL A 487 19.23 -15.96 -13.05
N ALA A 488 20.07 -15.01 -12.66
CA ALA A 488 21.13 -15.26 -11.70
C ALA A 488 21.19 -14.11 -10.70
N VAL A 489 21.49 -14.45 -9.45
CA VAL A 489 21.57 -13.45 -8.37
C VAL A 489 22.91 -13.62 -7.65
N TRP A 490 23.65 -12.53 -7.56
CA TRP A 490 24.95 -12.53 -6.89
C TRP A 490 24.93 -11.45 -5.81
N GLN A 491 25.63 -11.68 -4.70
CA GLN A 491 25.53 -10.75 -3.57
C GLN A 491 26.79 -10.65 -2.73
N TYR A 492 26.89 -9.52 -2.01
CA TYR A 492 27.90 -9.32 -1.00
C TYR A 492 27.27 -8.57 0.16
N VAL A 493 27.41 -9.13 1.37
CA VAL A 493 26.93 -8.47 2.58
C VAL A 493 28.15 -8.13 3.43
N SER A 494 28.33 -6.85 3.71
CA SER A 494 29.51 -6.38 4.44
C SER A 494 29.50 -6.82 5.91
N SER A 495 30.69 -7.03 6.48
CA SER A 495 30.79 -7.44 7.88
C SER A 495 30.64 -6.26 8.84
N SER A 496 30.85 -5.04 8.33
CA SER A 496 30.61 -3.83 9.11
C SER A 496 29.96 -2.77 8.23
N ASN A 497 29.40 -1.75 8.87
CA ASN A 497 28.68 -0.69 8.18
C ASN A 497 28.83 0.66 8.86
N SER A 498 29.04 1.69 8.05
CA SER A 498 28.87 3.08 8.50
CA SER A 498 28.87 3.07 8.51
C SER A 498 27.38 3.26 8.75
N PRO A 499 26.99 4.30 9.53
CA PRO A 499 25.54 4.45 9.77
C PRO A 499 24.76 4.75 8.48
N LEU A 500 23.72 3.95 8.23
CA LEU A 500 22.92 4.09 7.01
C LEU A 500 21.46 3.86 7.35
N ILE A 501 20.62 4.84 6.98
CA ILE A 501 19.18 4.70 7.18
C ILE A 501 18.52 4.14 5.92
N GLY A 502 17.84 3.02 6.07
CA GLY A 502 17.11 2.40 4.97
C GLY A 502 15.62 2.65 4.99
N HIS A 503 15.08 2.98 6.16
CA HIS A 503 13.64 3.17 6.30
C HIS A 503 13.28 3.99 7.54
N VAL A 504 12.25 4.82 7.41
CA VAL A 504 11.64 5.50 8.56
C VAL A 504 10.14 5.28 8.45
N GLY A 505 9.53 4.91 9.57
CA GLY A 505 8.07 4.74 9.64
C GLY A 505 7.56 5.05 11.03
N PRO A 506 6.34 5.61 11.14
CA PRO A 506 5.53 6.10 10.02
C PRO A 506 6.13 7.38 9.43
N THR A 507 5.61 7.81 8.28
CA THR A 507 6.13 9.01 7.62
C THR A 507 5.31 10.25 7.94
N MET A 508 4.20 10.06 8.65
CA MET A 508 3.32 11.16 9.05
C MET A 508 3.10 11.05 10.55
N THR A 509 3.56 12.07 11.27
CA THR A 509 3.69 11.97 12.72
C THR A 509 3.49 13.35 13.35
N LYS A 510 3.74 13.46 14.66
CA LYS A 510 3.67 14.76 15.34
C LYS A 510 4.44 14.72 16.64
N ALA A 511 4.66 15.90 17.22
CA ALA A 511 5.44 16.02 18.45
C ALA A 511 4.98 15.02 19.51
N GLY A 512 5.95 14.32 20.10
CA GLY A 512 5.65 13.37 21.19
C GLY A 512 5.37 11.94 20.77
N GLN A 513 5.10 11.74 19.48
CA GLN A 513 4.92 10.39 18.94
C GLN A 513 6.27 9.75 18.69
N THR A 514 6.27 8.44 18.47
CA THR A 514 7.52 7.70 18.26
C THR A 514 7.64 7.25 16.80
N ILE A 515 8.80 7.48 16.20
CA ILE A 515 9.08 6.92 14.88
C ILE A 515 10.22 5.90 14.98
N THR A 516 10.23 4.98 14.01
CA THR A 516 11.19 3.89 13.97
C THR A 516 12.14 4.10 12.79
N ILE A 517 13.44 4.14 13.09
CA ILE A 517 14.48 4.32 12.09
C ILE A 517 15.23 3.00 11.93
N ASP A 518 15.19 2.45 10.71
CA ASP A 518 15.82 1.16 10.44
C ASP A 518 16.95 1.25 9.44
N GLY A 519 17.97 0.41 9.61
CA GLY A 519 19.11 0.40 8.70
C GLY A 519 20.24 -0.45 9.25
N ARG A 520 21.46 0.04 9.10
CA ARG A 520 22.66 -0.63 9.63
C ARG A 520 23.66 0.39 10.16
N GLY A 521 24.56 -0.08 11.02
CA GLY A 521 25.71 0.71 11.45
C GLY A 521 25.44 1.83 12.45
N PHE A 522 24.30 1.75 13.15
CA PHE A 522 23.98 2.76 14.16
C PHE A 522 24.82 2.59 15.42
N GLY A 523 25.41 1.41 15.58
CA GLY A 523 26.17 1.07 16.79
C GLY A 523 25.24 0.65 17.92
N THR A 524 25.83 0.15 19.02
CA THR A 524 25.04 -0.32 20.15
C THR A 524 24.85 0.74 21.24
N THR A 525 25.71 1.76 21.25
CA THR A 525 25.63 2.84 22.22
C THR A 525 24.81 4.01 21.67
N SER A 526 23.94 4.56 22.50
CA SER A 526 23.01 5.61 22.09
CA SER A 526 23.02 5.61 22.10
C SER A 526 23.74 6.84 21.56
N GLY A 527 23.25 7.34 20.42
CA GLY A 527 23.77 8.55 19.79
C GLY A 527 22.68 9.59 19.71
N GLN A 528 22.50 10.15 18.51
CA GLN A 528 21.59 11.27 18.30
C GLN A 528 20.77 11.04 17.03
N VAL A 529 19.51 11.45 17.06
CA VAL A 529 18.66 11.46 15.87
C VAL A 529 18.19 12.89 15.64
N LEU A 530 18.42 13.39 14.43
CA LEU A 530 18.13 14.77 14.11
C LEU A 530 16.96 14.90 13.13
N PHE A 531 16.02 15.78 13.48
CA PHE A 531 14.93 16.18 12.61
C PHE A 531 15.35 17.52 12.05
N GLY A 532 15.89 17.50 10.83
CA GLY A 532 16.64 18.64 10.32
C GLY A 532 17.90 18.78 11.16
N SER A 533 17.92 19.80 12.01
CA SER A 533 19.05 20.04 12.92
CA SER A 533 19.05 20.02 12.92
C SER A 533 18.65 19.88 14.38
N THR A 534 17.39 19.51 14.62
CA THR A 534 16.87 19.41 15.99
C THR A 534 16.80 17.97 16.49
N ALA A 535 17.43 17.72 17.64
CA ALA A 535 17.51 16.38 18.22
C ALA A 535 16.17 15.91 18.81
N GLY A 536 15.88 14.63 18.62
CA GLY A 536 14.71 14.00 19.25
C GLY A 536 15.16 13.28 20.51
N THR A 537 14.20 12.76 21.28
CA THR A 537 14.50 12.02 22.48
C THR A 537 14.55 10.52 22.18
N ILE A 538 15.69 9.89 22.44
CA ILE A 538 15.87 8.47 22.14
C ILE A 538 15.02 7.59 23.06
N VAL A 539 14.24 6.69 22.45
CA VAL A 539 13.45 5.71 23.18
C VAL A 539 14.25 4.41 23.33
N SER A 540 14.81 3.94 22.21
CA SER A 540 15.67 2.75 22.21
C SER A 540 16.69 2.83 21.08
N TRP A 541 17.84 2.17 21.28
CA TRP A 541 18.94 2.24 20.33
C TRP A 541 19.61 0.88 20.13
N ASP A 542 19.72 0.46 18.87
CA ASP A 542 20.43 -0.76 18.47
C ASP A 542 21.05 -0.51 17.09
N ASP A 543 21.96 -1.39 16.66
CA ASP A 543 22.69 -1.19 15.40
C ASP A 543 21.80 -1.09 14.15
N THR A 544 20.64 -1.75 14.19
CA THR A 544 19.77 -1.79 13.01
C THR A 544 18.47 -1.00 13.18
N GLU A 545 18.22 -0.53 14.40
CA GLU A 545 16.94 0.13 14.70
C GLU A 545 17.05 1.10 15.86
N VAL A 546 16.58 2.32 15.62
CA VAL A 546 16.47 3.34 16.66
C VAL A 546 15.03 3.83 16.71
N LYS A 547 14.49 3.93 17.91
CA LYS A 547 13.16 4.51 18.11
C LYS A 547 13.34 5.85 18.81
N VAL A 548 12.62 6.85 18.34
CA VAL A 548 12.85 8.22 18.79
C VAL A 548 11.54 9.00 18.90
N LYS A 549 11.41 9.79 19.96
CA LYS A 549 10.28 10.69 20.14
C LYS A 549 10.46 11.95 19.30
N VAL A 550 9.37 12.36 18.64
CA VAL A 550 9.39 13.53 17.75
C VAL A 550 9.45 14.83 18.57
N PRO A 551 10.46 15.70 18.31
CA PRO A 551 10.58 16.97 19.01
C PRO A 551 9.56 18.00 18.54
N SER A 552 9.43 19.10 19.28
CA SER A 552 8.42 20.13 19.01
C SER A 552 8.89 21.17 18.00
N VAL A 553 9.26 20.69 16.82
CA VAL A 553 9.69 21.57 15.74
C VAL A 553 8.46 22.18 15.08
N THR A 554 8.66 23.26 14.34
CA THR A 554 7.59 23.85 13.55
CA THR A 554 7.57 23.84 13.56
C THR A 554 7.00 22.79 12.63
N PRO A 555 5.66 22.60 12.64
CA PRO A 555 5.07 21.61 11.74
C PRO A 555 5.46 21.81 10.27
N GLY A 556 5.71 20.68 9.59
CA GLY A 556 6.22 20.66 8.22
C GLY A 556 7.03 19.40 7.97
N LYS A 557 7.66 19.33 6.80
CA LYS A 557 8.45 18.15 6.45
C LYS A 557 9.91 18.29 6.89
N TYR A 558 10.46 17.19 7.40
CA TYR A 558 11.82 17.16 7.92
C TYR A 558 12.63 15.99 7.39
N ASN A 559 13.92 16.24 7.19
CA ASN A 559 14.84 15.19 6.79
C ASN A 559 15.52 14.62 8.01
N ILE A 560 15.45 13.29 8.13
CA ILE A 560 15.97 12.59 9.31
C ILE A 560 17.40 12.12 9.07
N SER A 561 18.28 12.41 10.02
CA SER A 561 19.61 11.84 10.02
C SER A 561 19.97 11.34 11.41
N LEU A 562 20.99 10.51 11.47
CA LEU A 562 21.38 9.86 12.69
C LEU A 562 22.89 10.03 12.86
N LYS A 563 23.30 10.25 14.11
CA LYS A 563 24.71 10.32 14.46
C LYS A 563 25.02 9.27 15.51
N THR A 564 26.06 8.49 15.27
CA THR A 564 26.48 7.46 16.22
C THR A 564 27.11 8.12 17.44
N SER A 565 27.33 7.34 18.49
CA SER A 565 27.94 7.86 19.72
C SER A 565 29.34 8.40 19.49
N SER A 566 29.99 7.93 18.44
CA SER A 566 31.35 8.38 18.10
C SER A 566 31.35 9.57 17.13
N GLY A 567 30.16 9.95 16.66
CA GLY A 567 30.01 11.14 15.84
C GLY A 567 29.92 10.94 14.34
N ALA A 568 29.84 9.69 13.88
CA ALA A 568 29.64 9.40 12.46
C ALA A 568 28.19 9.70 12.08
N THR A 569 28.00 10.39 10.96
CA THR A 569 26.66 10.80 10.52
C THR A 569 26.14 9.96 9.35
N SER A 570 24.88 9.57 9.45
CA SER A 570 24.22 8.78 8.42
C SER A 570 23.84 9.63 7.20
N ASN A 571 23.36 8.96 6.16
CA ASN A 571 22.61 9.60 5.09
C ASN A 571 21.32 10.20 5.65
N THR A 572 20.66 11.06 4.87
CA THR A 572 19.37 11.59 5.30
C THR A 572 18.22 10.81 4.67
N TYR A 573 17.16 10.61 5.44
CA TYR A 573 15.93 10.02 4.94
C TYR A 573 14.90 11.15 4.94
N ASN A 574 14.47 11.55 3.75
CA ASN A 574 13.76 12.81 3.57
C ASN A 574 12.24 12.76 3.72
N ASN A 575 11.67 13.93 3.98
CA ASN A 575 10.23 14.17 3.84
C ASN A 575 9.30 13.55 4.87
N ILE A 576 9.79 13.39 6.09
CA ILE A 576 8.94 12.94 7.19
C ILE A 576 8.06 14.12 7.61
N ASN A 577 6.74 13.91 7.56
CA ASN A 577 5.78 14.99 7.76
C ASN A 577 5.35 15.11 9.22
N ILE A 578 5.62 16.27 9.82
CA ILE A 578 5.24 16.55 11.20
C ILE A 578 4.02 17.46 11.21
N LEU A 579 2.89 16.89 11.63
CA LEU A 579 1.61 17.60 11.65
C LEU A 579 1.52 18.58 12.82
N THR A 580 0.51 19.46 12.75
CA THR A 580 0.32 20.51 13.75
C THR A 580 -0.38 19.99 15.00
N GLY A 581 -1.17 18.93 14.81
CA GLY A 581 -1.93 18.32 15.89
C GLY A 581 -2.70 17.16 15.32
N ASN A 582 -3.54 16.53 16.15
CA ASN A 582 -4.44 15.48 15.67
C ASN A 582 -5.38 16.03 14.61
N GLN A 583 -5.66 15.22 13.60
CA GLN A 583 -6.38 15.68 12.42
C GLN A 583 -7.90 15.54 12.49
N ILE A 584 -8.58 16.43 11.75
CA ILE A 584 -10.03 16.46 11.58
C ILE A 584 -10.28 16.70 10.09
N CYS A 585 -11.32 16.07 9.54
CA CYS A 585 -11.67 16.34 8.15
C CYS A 585 -12.69 17.47 8.04
N VAL A 586 -12.28 18.56 7.43
CA VAL A 586 -13.15 19.73 7.23
C VAL A 586 -13.43 19.94 5.75
N ARG A 587 -14.71 20.08 5.41
CA ARG A 587 -15.10 20.45 4.06
C ARG A 587 -15.06 21.97 3.93
N PHE A 588 -14.19 22.46 3.05
CA PHE A 588 -14.11 23.89 2.76
C PHE A 588 -14.96 24.16 1.54
N VAL A 589 -15.81 25.18 1.62
CA VAL A 589 -16.70 25.56 0.52
C VAL A 589 -16.57 27.05 0.26
N VAL A 590 -16.38 27.42 -1.00
CA VAL A 590 -16.35 28.83 -1.40
C VAL A 590 -17.36 29.12 -2.51
N ASN A 591 -18.24 30.10 -2.25
CA ASN A 591 -19.24 30.53 -3.23
C ASN A 591 -18.77 31.70 -4.10
N ASN A 592 -19.38 31.82 -5.28
CA ASN A 592 -19.20 32.96 -6.17
C ASN A 592 -17.75 33.13 -6.62
N ALA A 593 -17.10 32.01 -6.93
CA ALA A 593 -15.72 32.03 -7.41
C ALA A 593 -15.68 31.73 -8.89
N SER A 594 -15.86 32.78 -9.70
CA SER A 594 -15.89 32.66 -11.16
CA SER A 594 -15.89 32.63 -11.15
C SER A 594 -14.47 32.53 -11.72
N THR A 595 -14.32 31.66 -12.73
CA THR A 595 -13.03 31.44 -13.34
C THR A 595 -13.10 31.46 -14.88
N VAL A 596 -11.95 31.69 -15.50
CA VAL A 596 -11.86 31.54 -16.96
C VAL A 596 -11.51 30.10 -17.32
N TYR A 597 -11.56 29.79 -18.61
CA TYR A 597 -11.21 28.46 -19.10
C TYR A 597 -9.80 28.08 -18.65
N GLY A 598 -9.67 26.89 -18.07
CA GLY A 598 -8.37 26.37 -17.65
C GLY A 598 -7.92 26.83 -16.28
N GLU A 599 -8.72 27.71 -15.66
CA GLU A 599 -8.41 28.26 -14.35
C GLU A 599 -9.23 27.55 -13.28
N ASN A 600 -8.59 27.25 -12.15
CA ASN A 600 -9.22 26.55 -11.03
C ASN A 600 -9.00 27.24 -9.69
N VAL A 601 -9.86 26.93 -8.73
CA VAL A 601 -9.79 27.49 -7.38
C VAL A 601 -9.02 26.53 -6.48
N TYR A 602 -8.16 27.10 -5.63
CA TYR A 602 -7.37 26.37 -4.65
C TYR A 602 -7.47 27.05 -3.28
N LEU A 603 -7.15 26.28 -2.24
CA LEU A 603 -7.17 26.74 -0.85
C LEU A 603 -5.75 26.88 -0.29
N THR A 604 -5.50 27.98 0.40
CA THR A 604 -4.22 28.22 1.05
C THR A 604 -4.46 28.80 2.46
N GLY A 605 -3.53 28.59 3.38
CA GLY A 605 -3.73 29.09 4.74
C GLY A 605 -2.53 28.93 5.65
N ASN A 606 -2.72 29.29 6.92
CA ASN A 606 -1.59 29.55 7.81
C ASN A 606 -1.17 28.41 8.73
N VAL A 607 -1.46 27.18 8.31
CA VAL A 607 -0.93 25.99 8.96
C VAL A 607 -0.29 25.08 7.93
N ALA A 608 0.58 24.18 8.39
CA ALA A 608 1.29 23.27 7.49
C ALA A 608 0.32 22.46 6.62
N GLU A 609 -0.81 22.08 7.22
CA GLU A 609 -1.83 21.28 6.54
C GLU A 609 -2.48 22.01 5.36
N LEU A 610 -2.35 23.34 5.33
CA LEU A 610 -2.83 24.16 4.21
C LEU A 610 -1.67 24.78 3.41
N GLY A 611 -0.45 24.33 3.69
CA GLY A 611 0.72 24.76 2.92
C GLY A 611 1.40 26.03 3.38
N ASN A 612 0.96 26.58 4.51
CA ASN A 612 1.60 27.78 5.08
C ASN A 612 1.76 28.88 4.02
N TRP A 613 0.65 29.16 3.32
CA TRP A 613 0.57 30.22 2.32
C TRP A 613 1.41 29.99 1.06
N ASP A 614 1.94 28.78 0.88
CA ASP A 614 2.72 28.44 -0.32
C ASP A 614 1.77 28.14 -1.47
N THR A 615 1.64 29.08 -2.40
CA THR A 615 0.66 28.92 -3.49
C THR A 615 1.00 27.77 -4.44
N SER A 616 2.27 27.39 -4.50
CA SER A 616 2.70 26.28 -5.37
C SER A 616 2.26 24.94 -4.78
N LYS A 617 1.87 24.94 -3.52
CA LYS A 617 1.39 23.74 -2.84
C LYS A 617 -0.01 23.95 -2.25
N ALA A 618 -0.75 24.89 -2.84
CA ALA A 618 -2.13 25.14 -2.43
C ALA A 618 -2.97 23.88 -2.66
N ILE A 619 -4.01 23.74 -1.85
CA ILE A 619 -4.88 22.56 -1.85
C ILE A 619 -5.86 22.66 -3.03
N GLY A 620 -5.81 21.66 -3.91
CA GLY A 620 -6.67 21.66 -5.10
C GLY A 620 -5.98 21.04 -6.30
N PRO A 621 -6.53 21.23 -7.51
CA PRO A 621 -7.69 22.08 -7.82
C PRO A 621 -8.95 21.58 -7.15
N MET A 622 -9.76 22.52 -6.66
CA MET A 622 -10.96 22.17 -5.93
C MET A 622 -12.04 21.59 -6.85
N PHE A 623 -13.05 20.99 -6.23
CA PHE A 623 -14.13 20.32 -6.95
C PHE A 623 -15.33 21.26 -7.12
N ASN A 624 -16.15 21.01 -8.14
CA ASN A 624 -17.28 21.90 -8.42
C ASN A 624 -18.43 21.28 -9.23
N GLN A 625 -18.59 19.97 -9.16
CA GLN A 625 -19.62 19.29 -9.93
C GLN A 625 -20.67 18.56 -9.09
N VAL A 626 -20.22 17.74 -8.14
CA VAL A 626 -21.12 16.78 -7.51
C VAL A 626 -21.83 17.33 -6.26
N VAL A 627 -21.09 17.57 -5.18
CA VAL A 627 -21.71 18.02 -3.92
C VAL A 627 -22.26 19.45 -4.03
N TYR A 628 -21.49 20.31 -4.70
CA TYR A 628 -21.90 21.67 -5.04
C TYR A 628 -21.51 21.90 -6.49
N GLN A 629 -22.16 22.87 -7.13
CA GLN A 629 -21.89 23.19 -8.54
C GLN A 629 -21.27 24.56 -8.71
N TYR A 630 -20.31 24.63 -9.63
CA TYR A 630 -19.71 25.88 -10.10
C TYR A 630 -20.76 26.99 -10.23
N PRO A 631 -20.44 28.23 -9.78
CA PRO A 631 -19.18 28.72 -9.24
C PRO A 631 -18.98 28.54 -7.73
N THR A 632 -19.69 27.59 -7.14
CA THR A 632 -19.32 27.11 -5.81
C THR A 632 -18.29 25.98 -5.98
N TRP A 633 -17.20 26.06 -5.20
CA TRP A 633 -16.17 25.02 -5.19
C TRP A 633 -16.03 24.43 -3.78
N TYR A 634 -15.58 23.19 -3.69
CA TYR A 634 -15.45 22.51 -2.39
C TYR A 634 -14.29 21.52 -2.38
N TYR A 635 -13.84 21.15 -1.19
CA TYR A 635 -12.78 20.16 -1.04
C TYR A 635 -12.74 19.72 0.41
N ASP A 636 -12.49 18.45 0.61
CA ASP A 636 -12.38 17.89 1.96
C ASP A 636 -10.92 17.81 2.36
N VAL A 637 -10.60 18.41 3.50
CA VAL A 637 -9.21 18.70 3.87
C VAL A 637 -8.93 18.30 5.31
N SER A 638 -7.80 17.60 5.51
CA SER A 638 -7.35 17.23 6.84
C SER A 638 -6.64 18.42 7.50
N VAL A 639 -7.16 18.84 8.66
CA VAL A 639 -6.65 20.03 9.36
C VAL A 639 -6.56 19.75 10.87
N PRO A 640 -5.69 20.48 11.59
CA PRO A 640 -5.48 20.17 13.01
C PRO A 640 -6.64 20.56 13.93
N ALA A 641 -7.04 19.61 14.78
CA ALA A 641 -8.17 19.77 15.69
C ALA A 641 -8.04 21.01 16.58
N GLY A 642 -9.16 21.72 16.73
CA GLY A 642 -9.28 22.81 17.69
C GLY A 642 -8.42 24.03 17.39
N THR A 643 -7.86 24.09 16.19
CA THR A 643 -6.96 25.14 15.80
C THR A 643 -7.73 26.23 15.07
N THR A 644 -7.46 27.49 15.43
CA THR A 644 -8.02 28.62 14.70
C THR A 644 -7.12 28.92 13.51
N ILE A 645 -7.66 28.71 12.32
CA ILE A 645 -6.91 28.85 11.08
C ILE A 645 -7.31 30.12 10.34
N GLN A 646 -6.35 30.69 9.61
CA GLN A 646 -6.64 31.76 8.66
C GLN A 646 -6.40 31.21 7.27
N PHE A 647 -7.27 31.57 6.33
CA PHE A 647 -7.19 31.02 4.99
C PHE A 647 -7.77 31.97 3.94
N LYS A 648 -7.34 31.76 2.71
CA LYS A 648 -7.93 32.40 1.54
C LYS A 648 -7.97 31.42 0.39
N PHE A 649 -8.82 31.75 -0.58
CA PHE A 649 -8.85 31.02 -1.84
C PHE A 649 -8.12 31.77 -2.93
N ILE A 650 -7.56 31.02 -3.87
CA ILE A 650 -6.82 31.59 -4.99
C ILE A 650 -7.29 30.97 -6.29
N LYS A 651 -7.06 31.68 -7.40
CA LYS A 651 -7.36 31.15 -8.71
C LYS A 651 -6.05 31.06 -9.48
N LYS A 652 -5.76 29.90 -10.03
CA LYS A 652 -4.60 29.76 -10.91
C LYS A 652 -4.83 28.78 -12.05
N ASN A 653 -4.06 28.98 -13.11
CA ASN A 653 -4.20 28.25 -14.35
C ASN A 653 -2.86 27.70 -14.79
N GLY A 654 -2.17 28.45 -15.65
CA GLY A 654 -0.83 28.10 -16.13
C GLY A 654 0.11 29.30 -16.11
N ASN A 655 -0.44 30.48 -15.86
CA ASN A 655 0.32 31.72 -15.78
C ASN A 655 -0.48 32.82 -15.08
N THR A 656 -0.17 33.05 -13.79
CA THR A 656 -0.74 34.12 -12.95
C THR A 656 -1.71 33.60 -11.87
N ILE A 657 -1.61 34.19 -10.68
CA ILE A 657 -2.42 33.79 -9.53
C ILE A 657 -3.24 34.97 -9.03
N THR A 658 -4.54 34.75 -8.87
CA THR A 658 -5.46 35.76 -8.32
C THR A 658 -5.91 35.35 -6.92
N TRP A 659 -5.65 36.24 -5.95
CA TRP A 659 -6.04 36.01 -4.56
C TRP A 659 -7.36 36.70 -4.25
N GLU A 660 -8.08 36.16 -3.28
CA GLU A 660 -9.14 36.92 -2.64
C GLU A 660 -8.56 38.21 -2.07
N GLY A 661 -9.32 39.29 -2.18
CA GLY A 661 -9.00 40.53 -1.48
C GLY A 661 -9.50 40.48 -0.04
N GLY A 662 -9.45 41.62 0.63
CA GLY A 662 -9.96 41.74 1.99
C GLY A 662 -9.14 40.97 3.02
N SER A 663 -9.73 40.78 4.19
CA SER A 663 -9.05 40.08 5.28
CA SER A 663 -9.07 40.09 5.29
C SER A 663 -9.18 38.57 5.14
N ASN A 664 -8.26 37.84 5.74
CA ASN A 664 -8.32 36.39 5.69
C ASN A 664 -9.62 35.88 6.29
N HIS A 665 -10.13 34.77 5.75
CA HIS A 665 -11.20 34.04 6.41
C HIS A 665 -10.61 33.34 7.63
N THR A 666 -11.40 33.20 8.68
CA THR A 666 -10.93 32.49 9.87
CA THR A 666 -10.95 32.53 9.91
C THR A 666 -11.97 31.48 10.35
N TYR A 667 -11.48 30.37 10.91
CA TYR A 667 -12.35 29.29 11.34
C TYR A 667 -11.63 28.47 12.39
N THR A 668 -12.33 28.10 13.44
CA THR A 668 -11.77 27.17 14.42
C THR A 668 -12.22 25.76 14.10
N VAL A 669 -11.26 24.91 13.79
CA VAL A 669 -11.51 23.50 13.49
C VAL A 669 -12.15 22.81 14.70
N PRO A 670 -13.16 21.94 14.46
CA PRO A 670 -13.74 21.15 15.55
C PRO A 670 -12.70 20.35 16.35
N SER A 671 -13.06 19.99 17.58
CA SER A 671 -12.16 19.23 18.45
CA SER A 671 -12.16 19.23 18.45
C SER A 671 -12.12 17.74 18.12
N SER A 672 -13.24 17.20 17.63
CA SER A 672 -13.29 15.76 17.36
C SER A 672 -14.10 15.36 16.13
N SER A 673 -15.20 16.05 15.87
CA SER A 673 -16.10 15.71 14.77
C SER A 673 -15.68 16.38 13.47
N THR A 674 -16.15 15.83 12.35
CA THR A 674 -15.98 16.50 11.07
C THR A 674 -16.68 17.85 11.12
N GLY A 675 -16.26 18.77 10.24
CA GLY A 675 -16.90 20.07 10.15
C GLY A 675 -16.99 20.55 8.70
N THR A 676 -17.83 21.55 8.49
CA THR A 676 -17.92 22.24 7.20
C THR A 676 -17.81 23.74 7.43
N VAL A 677 -16.98 24.40 6.64
CA VAL A 677 -16.90 25.85 6.67
C VAL A 677 -17.21 26.40 5.28
N ILE A 678 -18.19 27.30 5.21
CA ILE A 678 -18.65 27.88 3.96
C ILE A 678 -18.43 29.38 3.98
N VAL A 679 -17.79 29.90 2.93
CA VAL A 679 -17.54 31.33 2.79
C VAL A 679 -17.86 31.82 1.37
N ASN A 680 -17.95 33.15 1.22
CA ASN A 680 -18.09 33.77 -0.10
C ASN A 680 -16.77 34.36 -0.56
N TRP A 681 -16.47 34.15 -1.84
CA TRP A 681 -15.27 34.72 -2.45
C TRP A 681 -15.23 36.24 -2.24
N GLN A 682 -14.12 36.73 -1.72
CA GLN A 682 -13.90 38.16 -1.49
C GLN A 682 -13.09 38.78 -2.63
N GLN A 683 -13.67 39.77 -3.30
CA GLN A 683 -12.96 40.48 -4.36
C GLN A 683 -11.81 41.33 -3.79
#